data_5NQ3
#
_entry.id   5NQ3
#
_cell.length_a   59.301
_cell.length_b   59.696
_cell.length_c   66.443
_cell.angle_alpha   81.48
_cell.angle_beta   67.62
_cell.angle_gamma   68.60
#
_symmetry.space_group_name_H-M   'P 1'
#
loop_
_entity.id
_entity.type
_entity.pdbx_description
1 polymer 'MHC class I antigen'
2 polymer Beta-2-microglobulin
3 polymer GLU-PHE-GLU-ASP-LEU-THR-PHE-LEU-ALA
4 non-polymer 'SULFATE ION'
5 non-polymer GLYCEROL
6 non-polymer 1,2-ETHANEDIOL
7 water water
#
loop_
_entity_poly.entity_id
_entity_poly.type
_entity_poly.pdbx_seq_one_letter_code
_entity_poly.pdbx_strand_id
1 'polypeptide(L)'
;MGPHSLSYFSTAVSRPDRGDSRFIAVGYVDDTQFVRFDSDAPNPRMEPRAPWIQQEGQEYWDRNTRNVMGSAQINRVNLK
TLRGYYNQSEAGSHTLQWMYGCYLGPDGLLLRGYDQFAYDGADYLALNEDLRSWTAADMAAQISKRKWEAADAAEHWRSY
LQGTCVESLRRYLQMGKDTLQRAEPPKTHVTRHPSSDLGVTLRCWALGFHPKEISLTWQREGQDQSQDMELVETRPSGDG
TFQKWAALVVPPGEEQSYTCHVQHEGLQEPLTLRWD
;
A,D
2 'polypeptide(L)'
;MIQRTPKIQVYSRHPAENGKSNFLNCYVSGFHPSDIEVDLLKNGERIEKVEHSDLSFSKDWSFYLLYYTEFTPTEKDEYA
CRVNHVTLSQPKIVKWDRDM
;
B,E
3 'polypeptide(L)' EFEDLTFLA C,F
#
loop_
_chem_comp.id
_chem_comp.type
_chem_comp.name
_chem_comp.formula
EDO non-polymer 1,2-ETHANEDIOL 'C2 H6 O2'
GOL non-polymer GLYCEROL 'C3 H8 O3'
SO4 non-polymer 'SULFATE ION' 'O4 S -2'
#
# COMPACT_ATOMS: atom_id res chain seq x y z
N MET A 1 1.12 15.33 28.63
CA MET A 1 -0.27 15.62 28.13
C MET A 1 -0.72 14.44 27.25
N GLY A 2 -0.33 14.40 25.96
CA GLY A 2 -0.24 13.12 25.21
C GLY A 2 0.21 13.31 23.79
N PRO A 3 0.33 12.22 22.96
CA PRO A 3 0.52 12.45 21.48
C PRO A 3 -0.76 12.93 20.80
N HIS A 4 -0.69 14.05 20.08
CA HIS A 4 -1.87 14.58 19.41
C HIS A 4 -1.42 15.38 18.21
N SER A 5 -2.38 15.58 17.29
CA SER A 5 -2.14 16.40 16.12
C SER A 5 -3.34 17.18 15.66
N LEU A 6 -3.06 18.29 14.97
CA LEU A 6 -4.04 19.03 14.23
C LEU A 6 -3.56 19.05 12.81
N SER A 7 -4.42 18.69 11.88
N SER A 7 -4.42 18.69 11.88
CA SER A 7 -4.06 18.65 10.48
CA SER A 7 -4.08 18.64 10.48
C SER A 7 -5.24 19.16 9.63
C SER A 7 -5.24 19.16 9.63
N TYR A 8 -4.88 19.64 8.45
CA TYR A 8 -5.84 19.99 7.38
C TYR A 8 -5.44 19.30 6.11
N PHE A 9 -6.44 18.71 5.45
CA PHE A 9 -6.28 17.92 4.25
C PHE A 9 -7.14 18.63 3.17
N SER A 10 -6.49 19.20 2.17
CA SER A 10 -7.20 19.98 1.16
C SER A 10 -6.97 19.39 -0.22
N THR A 11 -8.03 19.41 -1.04
CA THR A 11 -8.00 18.85 -2.38
C THR A 11 -8.53 19.94 -3.33
N ALA A 12 -7.73 20.30 -4.33
CA ALA A 12 -8.18 21.21 -5.39
C ALA A 12 -8.19 20.48 -6.68
N VAL A 13 -9.30 20.56 -7.41
CA VAL A 13 -9.44 19.74 -8.63
C VAL A 13 -9.86 20.64 -9.78
N SER A 14 -9.11 20.62 -10.87
CA SER A 14 -9.59 21.37 -12.05
C SER A 14 -10.62 20.53 -12.76
N ARG A 15 -11.65 21.19 -13.28
CA ARG A 15 -12.77 20.49 -13.96
C ARG A 15 -13.07 21.13 -15.30
N PRO A 16 -12.19 20.90 -16.29
CA PRO A 16 -12.42 21.51 -17.57
C PRO A 16 -13.76 21.17 -18.20
N ASP A 17 -14.31 19.98 -17.91
CA ASP A 17 -15.66 19.61 -18.37
C ASP A 17 -16.85 20.36 -17.69
N ARG A 18 -16.54 21.15 -16.65
N ARG A 18 -16.54 21.15 -16.65
CA ARG A 18 -17.49 22.10 -16.05
CA ARG A 18 -17.49 22.09 -16.03
C ARG A 18 -17.04 23.56 -16.13
C ARG A 18 -17.04 23.56 -16.13
N GLY A 19 -15.86 23.81 -16.74
CA GLY A 19 -15.33 25.16 -16.81
C GLY A 19 -15.01 25.83 -15.48
N ASP A 20 -14.63 25.04 -14.48
CA ASP A 20 -14.30 25.62 -13.18
C ASP A 20 -13.37 24.67 -12.43
N SER A 21 -13.19 24.93 -11.16
CA SER A 21 -12.45 24.02 -10.30
C SER A 21 -13.15 23.93 -8.96
N ARG A 22 -12.73 22.99 -8.11
CA ARG A 22 -13.44 22.81 -6.83
C ARG A 22 -12.32 22.71 -5.82
N PHE A 23 -12.55 23.32 -4.65
CA PHE A 23 -11.67 23.12 -3.52
C PHE A 23 -12.43 22.60 -2.32
N ILE A 24 -11.91 21.57 -1.66
CA ILE A 24 -12.48 21.04 -0.45
C ILE A 24 -11.36 20.91 0.58
N ALA A 25 -11.61 21.34 1.79
CA ALA A 25 -10.66 21.22 2.88
C ALA A 25 -11.37 20.55 4.06
N VAL A 26 -10.64 19.67 4.76
CA VAL A 26 -11.19 19.11 5.96
C VAL A 26 -10.13 19.22 7.08
N GLY A 27 -10.59 19.52 8.27
CA GLY A 27 -9.74 19.57 9.44
C GLY A 27 -9.93 18.43 10.38
N TYR A 28 -8.84 17.95 10.96
CA TYR A 28 -8.88 16.85 11.97
C TYR A 28 -8.11 17.22 13.19
N VAL A 29 -8.57 16.75 14.32
CA VAL A 29 -7.76 16.63 15.54
C VAL A 29 -7.65 15.14 15.72
N ASP A 30 -6.41 14.63 15.68
CA ASP A 30 -6.15 13.20 15.78
C ASP A 30 -6.98 12.47 14.67
N ASP A 31 -7.83 11.50 15.02
CA ASP A 31 -8.60 10.82 13.97
C ASP A 31 -9.95 11.47 13.70
N THR A 32 -10.22 12.58 14.38
CA THR A 32 -11.59 13.13 14.44
C THR A 32 -11.74 14.37 13.57
N GLN A 33 -12.50 14.24 12.50
CA GLN A 33 -12.80 15.41 11.67
C GLN A 33 -13.61 16.44 12.47
N PHE A 34 -13.27 17.72 12.34
CA PHE A 34 -14.06 18.75 13.02
C PHE A 34 -14.58 19.93 12.18
N VAL A 35 -14.02 20.14 11.00
CA VAL A 35 -14.48 21.20 10.11
C VAL A 35 -14.39 20.76 8.70
N ARG A 36 -15.15 21.43 7.83
CA ARG A 36 -15.02 21.26 6.40
C ARG A 36 -15.25 22.57 5.69
N PHE A 37 -14.72 22.66 4.48
CA PHE A 37 -15.00 23.73 3.54
C PHE A 37 -15.18 23.12 2.18
N ASP A 38 -16.20 23.56 1.47
CA ASP A 38 -16.47 23.00 0.13
C ASP A 38 -16.89 24.16 -0.77
N SER A 39 -16.09 24.45 -1.78
CA SER A 39 -16.38 25.56 -2.69
C SER A 39 -17.61 25.34 -3.53
N ASP A 40 -18.10 24.10 -3.65
CA ASP A 40 -19.32 23.82 -4.39
C ASP A 40 -20.58 23.98 -3.50
N ALA A 41 -20.45 24.09 -2.17
CA ALA A 41 -21.59 24.33 -1.29
C ALA A 41 -22.29 25.64 -1.66
N PRO A 42 -23.61 25.71 -1.46
CA PRO A 42 -24.23 27.03 -1.54
C PRO A 42 -23.70 27.88 -0.35
N ASN A 43 -23.31 29.12 -0.60
CA ASN A 43 -22.73 29.92 0.47
C ASN A 43 -21.53 29.22 1.15
N PRO A 44 -20.44 28.95 0.41
CA PRO A 44 -19.30 28.21 0.97
C PRO A 44 -18.72 28.89 2.22
N ARG A 45 -18.65 28.13 3.30
CA ARG A 45 -18.22 28.61 4.62
C ARG A 45 -17.38 27.53 5.24
N MET A 46 -16.53 27.88 6.17
CA MET A 46 -15.98 26.83 7.04
C MET A 46 -17.12 26.39 7.95
N GLU A 47 -17.38 25.08 8.01
CA GLU A 47 -18.56 24.55 8.71
C GLU A 47 -18.13 23.56 9.79
N PRO A 48 -18.87 23.52 10.90
CA PRO A 48 -18.51 22.57 11.97
C PRO A 48 -18.90 21.14 11.59
N ARG A 49 -18.07 20.17 11.96
CA ARG A 49 -18.36 18.72 11.71
C ARG A 49 -18.16 17.82 12.93
N ALA A 50 -17.93 18.43 14.07
CA ALA A 50 -17.97 17.77 15.35
C ALA A 50 -18.77 18.64 16.35
N PRO A 51 -19.51 18.04 17.28
CA PRO A 51 -20.27 18.86 18.24
C PRO A 51 -19.43 19.82 19.08
N TRP A 52 -18.22 19.41 19.46
CA TRP A 52 -17.37 20.17 20.35
C TRP A 52 -16.73 21.42 19.74
N ILE A 53 -16.84 21.61 18.43
CA ILE A 53 -16.41 22.87 17.78
C ILE A 53 -17.58 23.84 17.61
N GLN A 54 -18.80 23.37 17.82
CA GLN A 54 -19.97 24.19 17.51
C GLN A 54 -20.08 25.46 18.33
N GLN A 55 -19.56 25.41 19.56
CA GLN A 55 -19.54 26.57 20.44
C GLN A 55 -18.56 27.68 20.04
N GLU A 56 -17.65 27.46 19.08
CA GLU A 56 -16.83 28.57 18.56
C GLU A 56 -17.73 29.72 18.07
N GLY A 57 -17.35 30.96 18.43
CA GLY A 57 -18.19 32.12 18.16
C GLY A 57 -18.06 32.51 16.69
N GLN A 58 -18.91 33.45 16.28
CA GLN A 58 -19.02 33.80 14.86
C GLN A 58 -17.68 34.33 14.29
N GLU A 59 -16.93 35.08 15.08
N GLU A 59 -16.91 35.08 15.05
CA GLU A 59 -15.65 35.60 14.62
CA GLU A 59 -15.65 35.58 14.46
C GLU A 59 -14.67 34.46 14.20
C GLU A 59 -14.67 34.45 14.17
N TYR A 60 -14.69 33.35 14.92
CA TYR A 60 -13.94 32.14 14.54
C TYR A 60 -14.39 31.60 13.19
N TRP A 61 -15.70 31.49 13.02
CA TRP A 61 -16.25 30.99 11.74
C TRP A 61 -15.95 31.94 10.59
N ASP A 62 -16.11 33.23 10.84
CA ASP A 62 -15.83 34.26 9.85
C ASP A 62 -14.35 34.30 9.40
N ARG A 63 -13.44 34.25 10.37
CA ARG A 63 -12.00 34.29 10.14
C ARG A 63 -11.52 33.04 9.39
N ASN A 64 -11.93 31.88 9.87
CA ASN A 64 -11.55 30.62 9.26
C ASN A 64 -12.09 30.54 7.84
N THR A 65 -13.28 31.06 7.66
CA THR A 65 -13.92 31.14 6.31
C THR A 65 -13.10 32.07 5.39
N ARG A 66 -12.71 33.25 5.89
CA ARG A 66 -11.89 34.15 5.06
C ARG A 66 -10.58 33.50 4.65
N ASN A 67 -9.93 32.83 5.59
CA ASN A 67 -8.65 32.22 5.31
C ASN A 67 -8.74 31.00 4.40
N VAL A 68 -9.71 30.11 4.62
CA VAL A 68 -9.86 28.97 3.75
C VAL A 68 -10.32 29.42 2.35
N MET A 69 -11.16 30.43 2.28
CA MET A 69 -11.59 30.94 0.95
C MET A 69 -10.37 31.49 0.18
N GLY A 70 -9.53 32.22 0.89
CA GLY A 70 -8.29 32.78 0.35
C GLY A 70 -7.41 31.68 -0.21
N SER A 71 -7.28 30.61 0.59
CA SER A 71 -6.52 29.46 0.23
C SER A 71 -7.09 28.73 -0.97
N ALA A 72 -8.42 28.71 -1.07
CA ALA A 72 -9.09 28.07 -2.20
C ALA A 72 -8.74 28.83 -3.47
N GLN A 73 -8.75 30.15 -3.37
CA GLN A 73 -8.46 31.00 -4.55
C GLN A 73 -7.02 30.79 -4.99
N ILE A 74 -6.09 30.74 -4.02
CA ILE A 74 -4.69 30.52 -4.34
C ILE A 74 -4.44 29.13 -4.95
N ASN A 75 -5.06 28.11 -4.39
CA ASN A 75 -4.86 26.75 -4.92
C ASN A 75 -5.49 26.57 -6.30
N ARG A 76 -6.56 27.27 -6.58
CA ARG A 76 -7.11 27.32 -7.94
C ARG A 76 -6.15 27.91 -8.93
N VAL A 77 -5.51 29.01 -8.53
CA VAL A 77 -4.46 29.58 -9.38
C VAL A 77 -3.29 28.61 -9.56
N ASN A 78 -2.89 27.96 -8.46
CA ASN A 78 -1.79 27.00 -8.51
C ASN A 78 -2.03 25.86 -9.49
N LEU A 79 -3.29 25.42 -9.60
CA LEU A 79 -3.60 24.40 -10.60
C LEU A 79 -3.22 24.86 -12.01
N LYS A 80 -3.57 26.09 -12.34
CA LYS A 80 -3.26 26.68 -13.65
C LYS A 80 -1.76 26.81 -13.84
N THR A 81 -1.06 27.29 -12.79
CA THR A 81 0.35 27.42 -12.82
C THR A 81 1.06 26.09 -13.12
N LEU A 82 0.70 25.07 -12.36
CA LEU A 82 1.28 23.74 -12.53
C LEU A 82 1.00 23.15 -13.92
N ARG A 83 -0.21 23.32 -14.43
CA ARG A 83 -0.53 22.92 -15.81
C ARG A 83 0.51 23.53 -16.78
N GLY A 84 0.83 24.79 -16.56
CA GLY A 84 1.90 25.46 -17.36
C GLY A 84 3.27 24.84 -17.15
N TYR A 85 3.67 24.61 -15.92
CA TYR A 85 4.99 24.02 -15.65
C TYR A 85 5.25 22.65 -16.33
N TYR A 86 4.21 21.82 -16.38
CA TYR A 86 4.24 20.49 -17.02
C TYR A 86 3.82 20.50 -18.47
N ASN A 87 3.57 21.69 -19.00
CA ASN A 87 3.05 21.83 -20.38
C ASN A 87 1.84 20.95 -20.73
N GLN A 88 0.85 20.91 -19.85
CA GLN A 88 -0.28 20.00 -20.00
C GLN A 88 -1.42 20.70 -20.75
N SER A 89 -2.20 19.89 -21.42
CA SER A 89 -3.38 20.38 -22.15
C SER A 89 -4.42 21.02 -21.20
N GLU A 90 -5.22 21.94 -21.74
N GLU A 90 -5.23 21.94 -21.74
CA GLU A 90 -6.35 22.54 -21.05
CA GLU A 90 -6.34 22.53 -21.00
C GLU A 90 -7.48 21.54 -20.82
C GLU A 90 -7.49 21.53 -20.81
N ALA A 91 -7.48 20.43 -21.56
CA ALA A 91 -8.60 19.49 -21.60
C ALA A 91 -8.73 18.57 -20.41
N GLY A 92 -7.62 18.27 -19.76
CA GLY A 92 -7.62 17.24 -18.74
C GLY A 92 -7.86 17.80 -17.34
N SER A 93 -8.47 16.99 -16.49
CA SER A 93 -8.65 17.34 -15.08
C SER A 93 -7.39 17.00 -14.23
N HIS A 94 -7.02 17.88 -13.33
CA HIS A 94 -5.84 17.65 -12.45
C HIS A 94 -6.14 17.91 -11.02
N THR A 95 -5.31 17.35 -10.13
CA THR A 95 -5.58 17.37 -8.70
C THR A 95 -4.35 17.90 -7.98
N LEU A 96 -4.54 18.90 -7.15
CA LEU A 96 -3.49 19.34 -6.20
C LEU A 96 -3.95 19.07 -4.81
N GLN A 97 -3.20 18.26 -4.06
CA GLN A 97 -3.55 17.96 -2.69
C GLN A 97 -2.53 18.58 -1.73
N TRP A 98 -3.00 18.99 -0.59
CA TRP A 98 -2.17 19.63 0.44
C TRP A 98 -2.51 19.15 1.80
N MET A 99 -1.52 18.75 2.56
CA MET A 99 -1.71 18.33 3.93
C MET A 99 -0.69 19.06 4.80
N TYR A 100 -1.16 19.60 5.89
CA TYR A 100 -0.27 20.32 6.80
C TYR A 100 -0.81 20.22 8.19
N GLY A 101 0.07 20.35 9.15
CA GLY A 101 -0.30 20.14 10.51
C GLY A 101 0.82 20.11 11.52
N CYS A 102 0.43 20.01 12.77
CA CYS A 102 1.37 19.96 13.82
C CYS A 102 1.11 18.78 14.70
N TYR A 103 2.21 18.34 15.37
CA TYR A 103 2.25 17.14 16.18
C TYR A 103 2.87 17.45 17.50
N LEU A 104 2.17 17.06 18.53
CA LEU A 104 2.64 17.17 19.87
C LEU A 104 3.20 15.80 20.26
N GLY A 105 4.30 15.85 20.99
CA GLY A 105 5.03 14.66 21.48
C GLY A 105 4.38 14.06 22.71
N PRO A 106 4.92 12.93 23.18
CA PRO A 106 4.23 12.27 24.31
C PRO A 106 4.15 13.16 25.55
N ASP A 107 5.08 14.10 25.69
CA ASP A 107 5.06 15.13 26.74
C ASP A 107 4.14 16.33 26.50
N GLY A 108 3.35 16.32 25.42
CA GLY A 108 2.52 17.47 25.05
C GLY A 108 3.27 18.65 24.44
N LEU A 109 4.60 18.59 24.29
CA LEU A 109 5.36 19.68 23.65
C LEU A 109 5.44 19.48 22.14
N LEU A 110 5.55 20.58 21.37
CA LEU A 110 5.63 20.47 19.90
C LEU A 110 6.84 19.61 19.50
N LEU A 111 6.55 18.61 18.68
CA LEU A 111 7.55 17.70 18.21
C LEU A 111 7.85 17.84 16.71
N ARG A 112 6.81 18.01 15.90
CA ARG A 112 6.89 17.80 14.44
C ARG A 112 5.91 18.74 13.77
N GLY A 113 6.27 19.33 12.64
CA GLY A 113 5.27 19.96 11.75
C GLY A 113 5.43 19.45 10.36
N TYR A 114 4.45 19.75 9.50
CA TYR A 114 4.53 19.31 8.14
C TYR A 114 3.63 20.19 7.23
N ASP A 115 4.05 20.25 5.97
CA ASP A 115 3.38 21.04 4.96
C ASP A 115 3.81 20.44 3.65
N GLN A 116 2.89 19.75 2.97
CA GLN A 116 3.27 19.02 1.79
C GLN A 116 2.15 18.99 0.77
N PHE A 117 2.60 18.82 -0.47
CA PHE A 117 1.76 18.92 -1.66
C PHE A 117 2.01 17.78 -2.63
N ALA A 118 0.96 17.31 -3.28
CA ALA A 118 1.04 16.34 -4.31
C ALA A 118 0.26 16.84 -5.50
N TYR A 119 0.77 16.57 -6.66
CA TYR A 119 0.07 16.88 -7.88
C TYR A 119 -0.23 15.59 -8.59
N ASP A 120 -1.48 15.46 -9.02
CA ASP A 120 -1.96 14.22 -9.67
C ASP A 120 -1.49 12.95 -8.98
N GLY A 121 -1.56 12.98 -7.66
CA GLY A 121 -1.29 11.79 -6.89
C GLY A 121 0.11 11.47 -6.52
N ALA A 122 1.06 12.32 -6.88
CA ALA A 122 2.48 12.10 -6.61
C ALA A 122 3.06 13.31 -5.89
N ASP A 123 4.02 13.05 -4.97
CA ASP A 123 4.72 14.12 -4.27
C ASP A 123 5.15 15.19 -5.24
N TYR A 124 4.94 16.44 -4.82
CA TYR A 124 5.35 17.61 -5.60
C TYR A 124 6.41 18.39 -4.80
N LEU A 125 5.99 18.92 -3.63
CA LEU A 125 6.86 19.76 -2.82
C LEU A 125 6.52 19.59 -1.36
N ALA A 126 7.54 19.46 -0.52
CA ALA A 126 7.31 19.22 0.90
C ALA A 126 8.30 20.02 1.78
N LEU A 127 7.77 20.59 2.87
CA LEU A 127 8.62 21.18 3.88
C LEU A 127 9.35 20.03 4.58
N ASN A 128 10.66 20.13 4.64
CA ASN A 128 11.45 19.11 5.32
C ASN A 128 11.22 19.20 6.82
N GLU A 129 11.65 18.12 7.49
CA GLU A 129 11.54 17.91 8.93
C GLU A 129 12.10 19.07 9.74
N ASP A 130 13.20 19.64 9.27
CA ASP A 130 13.78 20.82 9.93
C ASP A 130 12.97 22.09 9.88
N LEU A 131 11.91 22.11 9.07
CA LEU A 131 11.05 23.28 8.88
C LEU A 131 11.77 24.48 8.33
N ARG A 132 12.93 24.24 7.69
CA ARG A 132 13.79 25.28 7.16
C ARG A 132 14.07 25.19 5.71
N SER A 133 13.68 24.08 5.08
CA SER A 133 14.11 23.75 3.76
C SER A 133 13.01 22.95 3.11
N TRP A 134 13.08 22.88 1.77
CA TRP A 134 12.02 22.22 0.99
C TRP A 134 12.59 21.08 0.14
N THR A 135 11.82 20.03 -0.07
CA THR A 135 12.19 18.97 -1.05
C THR A 135 11.20 18.98 -2.23
N ALA A 136 11.79 19.24 -3.41
CA ALA A 136 11.03 19.28 -4.67
C ALA A 136 11.20 17.94 -5.33
N ALA A 137 10.10 17.44 -5.89
CA ALA A 137 10.12 16.16 -6.56
C ALA A 137 10.75 16.11 -7.96
N ASP A 138 10.68 17.25 -8.66
CA ASP A 138 11.03 17.32 -10.08
C ASP A 138 11.31 18.78 -10.45
N MET A 139 11.66 19.00 -11.70
CA MET A 139 12.05 20.32 -12.17
C MET A 139 10.93 21.35 -12.06
N ALA A 140 9.67 20.96 -12.31
CA ALA A 140 8.51 21.84 -12.07
C ALA A 140 8.48 22.32 -10.62
N ALA A 141 8.55 21.36 -9.69
CA ALA A 141 8.49 21.69 -8.27
C ALA A 141 9.68 22.56 -7.84
N GLN A 142 10.83 22.39 -8.51
CA GLN A 142 11.97 23.24 -8.23
C GLN A 142 11.66 24.72 -8.54
N ILE A 143 10.76 25.00 -9.48
CA ILE A 143 10.32 26.38 -9.75
C ILE A 143 9.59 26.95 -8.55
N SER A 144 8.68 26.17 -8.01
CA SER A 144 7.92 26.57 -6.85
C SER A 144 8.84 26.66 -5.64
N LYS A 145 9.79 25.75 -5.56
CA LYS A 145 10.78 25.81 -4.44
C LYS A 145 11.55 27.08 -4.41
N ARG A 146 12.04 27.49 -5.58
CA ARG A 146 12.76 28.74 -5.67
C ARG A 146 11.90 29.92 -5.24
N LYS A 147 10.65 29.95 -5.66
CA LYS A 147 9.72 31.00 -5.21
C LYS A 147 9.57 31.02 -3.70
N TRP A 148 9.39 29.84 -3.13
CA TRP A 148 9.12 29.77 -1.69
C TRP A 148 10.35 30.07 -0.89
N GLU A 149 11.55 29.74 -1.44
CA GLU A 149 12.80 30.15 -0.78
C GLU A 149 12.90 31.67 -0.78
N ALA A 150 12.63 32.27 -1.95
CA ALA A 150 12.73 33.73 -2.08
C ALA A 150 11.72 34.48 -1.20
N ALA A 151 10.58 33.85 -0.92
CA ALA A 151 9.52 34.45 -0.09
C ALA A 151 9.68 34.12 1.42
N ASP A 152 10.76 33.45 1.79
CA ASP A 152 10.91 32.87 3.12
C ASP A 152 9.60 32.27 3.66
N ALA A 153 8.99 31.48 2.81
CA ALA A 153 7.83 30.71 3.18
C ALA A 153 8.09 29.77 4.39
N ALA A 154 9.26 29.16 4.48
CA ALA A 154 9.51 28.24 5.61
C ALA A 154 9.43 28.95 6.97
N GLU A 155 9.90 30.19 7.02
CA GLU A 155 9.86 30.96 8.26
C GLU A 155 8.40 31.29 8.67
N HIS A 156 7.57 31.62 7.69
CA HIS A 156 6.15 31.81 7.95
C HIS A 156 5.47 30.50 8.42
N TRP A 157 5.85 29.39 7.81
CA TRP A 157 5.33 28.08 8.28
C TRP A 157 5.76 27.72 9.71
N ARG A 158 7.02 27.98 10.01
CA ARG A 158 7.49 27.77 11.40
C ARG A 158 6.64 28.55 12.43
N SER A 159 6.34 29.83 12.15
CA SER A 159 5.56 30.65 13.05
C SER A 159 4.16 30.10 13.21
N TYR A 160 3.52 29.73 12.09
CA TYR A 160 2.18 29.12 12.17
C TYR A 160 2.20 27.81 12.98
N LEU A 161 3.14 26.92 12.68
CA LEU A 161 3.12 25.57 13.26
C LEU A 161 3.48 25.62 14.74
N GLN A 162 4.32 26.55 15.15
CA GLN A 162 4.73 26.68 16.55
C GLN A 162 3.69 27.42 17.38
N GLY A 163 3.03 28.41 16.76
CA GLY A 163 2.13 29.32 17.48
C GLY A 163 0.71 28.81 17.30
N THR A 164 0.09 29.32 16.26
CA THR A 164 -1.32 29.11 16.02
C THR A 164 -1.73 27.65 15.99
N CYS A 165 -0.96 26.83 15.29
CA CYS A 165 -1.36 25.40 15.14
C CYS A 165 -1.43 24.71 16.51
N VAL A 166 -0.35 24.81 17.25
CA VAL A 166 -0.27 24.18 18.58
C VAL A 166 -1.27 24.78 19.55
N GLU A 167 -1.43 26.08 19.57
CA GLU A 167 -2.34 26.72 20.52
C GLU A 167 -3.78 26.33 20.24
N SER A 168 -4.15 26.29 18.96
N SER A 168 -4.15 26.29 18.96
CA SER A 168 -5.50 25.89 18.54
CA SER A 168 -5.49 25.89 18.56
C SER A 168 -5.76 24.46 18.91
C SER A 168 -5.76 24.46 18.91
N LEU A 169 -4.78 23.61 18.65
CA LEU A 169 -4.81 22.20 19.01
C LEU A 169 -5.11 22.03 20.45
N ARG A 170 -4.40 22.80 21.27
CA ARG A 170 -4.59 22.60 22.70
C ARG A 170 -5.98 23.06 23.17
N ARG A 171 -6.53 24.10 22.56
CA ARG A 171 -7.88 24.57 22.87
C ARG A 171 -8.88 23.52 22.38
N TYR A 172 -8.64 22.91 21.22
CA TYR A 172 -9.59 21.89 20.71
C TYR A 172 -9.62 20.69 21.65
N LEU A 173 -8.44 20.26 22.08
CA LEU A 173 -8.31 19.14 23.05
C LEU A 173 -9.12 19.38 24.34
N GLN A 174 -9.09 20.60 24.86
N GLN A 174 -9.10 20.60 24.86
CA GLN A 174 -9.89 21.02 26.04
CA GLN A 174 -9.91 21.00 26.03
C GLN A 174 -11.39 20.95 25.74
C GLN A 174 -11.40 20.94 25.73
N MET A 175 -11.80 21.56 24.63
N MET A 175 -11.81 21.56 24.61
CA MET A 175 -13.21 21.60 24.23
CA MET A 175 -13.21 21.59 24.20
C MET A 175 -13.76 20.18 23.99
C MET A 175 -13.76 20.18 24.00
N GLY A 176 -12.97 19.32 23.36
CA GLY A 176 -13.38 17.94 23.02
C GLY A 176 -12.85 16.90 23.98
N LYS A 177 -12.51 17.28 25.21
CA LYS A 177 -11.76 16.40 26.11
C LYS A 177 -12.42 15.04 26.32
N ASP A 178 -13.73 15.04 26.47
CA ASP A 178 -14.47 13.80 26.79
C ASP A 178 -14.48 12.75 25.67
N THR A 179 -14.19 13.17 24.45
CA THR A 179 -14.00 12.23 23.36
C THR A 179 -12.54 12.14 22.89
N LEU A 180 -11.83 13.26 22.78
CA LEU A 180 -10.50 13.28 22.19
C LEU A 180 -9.39 12.71 23.09
N GLN A 181 -9.56 12.77 24.41
CA GLN A 181 -8.45 12.45 25.33
C GLN A 181 -8.52 11.08 26.00
N ARG A 182 -9.55 10.33 25.70
CA ARG A 182 -9.73 9.00 26.28
C ARG A 182 -9.71 8.06 25.08
N ALA A 183 -8.90 7.01 25.16
CA ALA A 183 -8.86 5.93 24.21
C ALA A 183 -9.81 4.86 24.67
N GLU A 184 -10.40 4.15 23.71
N GLU A 184 -10.46 4.17 23.72
CA GLU A 184 -11.32 3.04 23.96
CA GLU A 184 -11.22 2.98 24.10
C GLU A 184 -10.64 1.80 23.39
C GLU A 184 -10.62 1.78 23.42
N PRO A 185 -10.40 0.73 24.21
CA PRO A 185 -9.70 -0.42 23.70
C PRO A 185 -10.59 -1.23 22.72
N PRO A 186 -9.95 -2.10 21.93
CA PRO A 186 -10.73 -2.95 21.06
C PRO A 186 -11.51 -4.03 21.80
N LYS A 187 -12.73 -4.35 21.33
CA LYS A 187 -13.38 -5.60 21.64
C LYS A 187 -12.91 -6.61 20.64
N THR A 188 -12.45 -7.74 21.12
CA THR A 188 -11.79 -8.70 20.22
C THR A 188 -12.55 -10.00 20.17
N HIS A 189 -12.27 -10.78 19.15
CA HIS A 189 -12.71 -12.18 19.11
C HIS A 189 -11.98 -12.90 17.98
N VAL A 190 -11.89 -14.20 18.13
CA VAL A 190 -11.18 -15.04 17.17
C VAL A 190 -12.17 -16.05 16.63
N THR A 191 -12.37 -16.08 15.33
CA THR A 191 -13.20 -17.08 14.70
C THR A 191 -12.38 -18.16 14.00
N ARG A 192 -13.05 -19.28 13.74
CA ARG A 192 -12.41 -20.45 13.11
C ARG A 192 -13.36 -21.09 12.15
N HIS A 193 -12.95 -21.21 10.88
CA HIS A 193 -13.81 -21.85 9.86
C HIS A 193 -12.95 -22.69 8.95
N PRO A 194 -13.26 -23.99 8.80
CA PRO A 194 -12.56 -24.77 7.78
C PRO A 194 -12.74 -24.08 6.43
N SER A 195 -11.66 -23.88 5.71
CA SER A 195 -11.72 -23.14 4.45
C SER A 195 -11.33 -23.99 3.24
N SER A 196 -10.69 -25.12 3.48
CA SER A 196 -10.67 -26.19 2.52
C SER A 196 -10.50 -27.49 3.29
N ASP A 197 -10.32 -28.58 2.57
CA ASP A 197 -10.00 -29.85 3.22
C ASP A 197 -8.62 -29.84 3.86
N LEU A 198 -7.79 -28.88 3.47
CA LEU A 198 -6.39 -28.77 3.83
C LEU A 198 -6.12 -27.76 4.93
N GLY A 199 -7.05 -26.83 5.11
CA GLY A 199 -6.80 -25.68 5.95
C GLY A 199 -8.00 -25.20 6.73
N VAL A 200 -7.69 -24.47 7.80
CA VAL A 200 -8.64 -23.81 8.64
C VAL A 200 -8.24 -22.33 8.71
N THR A 201 -9.19 -21.47 8.49
CA THR A 201 -8.94 -20.03 8.63
C THR A 201 -9.23 -19.55 10.03
N LEU A 202 -8.20 -18.97 10.68
CA LEU A 202 -8.36 -18.26 11.96
C LEU A 202 -8.43 -16.77 11.63
N ARG A 203 -9.43 -16.09 12.17
CA ARG A 203 -9.54 -14.64 11.99
C ARG A 203 -9.62 -13.95 13.32
N CYS A 204 -8.73 -12.99 13.53
CA CYS A 204 -8.65 -12.21 14.74
C CYS A 204 -9.25 -10.84 14.49
N TRP A 205 -10.31 -10.49 15.21
CA TRP A 205 -11.03 -9.23 15.05
C TRP A 205 -10.74 -8.25 16.16
N ALA A 206 -10.74 -6.98 15.82
CA ALA A 206 -10.77 -5.90 16.75
C ALA A 206 -11.82 -4.92 16.28
N LEU A 207 -12.76 -4.60 17.16
CA LEU A 207 -13.83 -3.70 16.87
C LEU A 207 -13.94 -2.64 17.95
N GLY A 208 -14.53 -1.50 17.62
CA GLY A 208 -14.98 -0.58 18.68
C GLY A 208 -13.90 0.27 19.32
N PHE A 209 -12.75 0.38 18.68
CA PHE A 209 -11.56 1.02 19.27
C PHE A 209 -11.31 2.38 18.72
N HIS A 210 -10.69 3.23 19.55
CA HIS A 210 -10.16 4.48 19.11
C HIS A 210 -9.03 4.88 20.08
N PRO A 211 -7.95 5.44 19.59
CA PRO A 211 -7.72 5.86 18.18
C PRO A 211 -7.46 4.72 17.18
N LYS A 212 -7.33 5.07 15.90
CA LYS A 212 -7.26 4.08 14.78
C LYS A 212 -6.06 3.16 14.82
N GLU A 213 -5.00 3.67 15.41
CA GLU A 213 -3.74 2.96 15.42
C GLU A 213 -3.84 1.71 16.24
N ILE A 214 -3.44 0.59 15.66
CA ILE A 214 -3.60 -0.71 16.31
C ILE A 214 -2.65 -1.68 15.64
N SER A 215 -2.14 -2.63 16.41
CA SER A 215 -1.38 -3.73 15.84
C SER A 215 -2.06 -5.07 16.11
N LEU A 216 -2.29 -5.82 15.02
CA LEU A 216 -2.89 -7.19 15.04
C LEU A 216 -1.95 -8.11 14.30
N THR A 217 -1.35 -9.05 15.01
CA THR A 217 -0.40 -9.96 14.38
C THR A 217 -0.68 -11.37 14.87
N TRP A 218 -0.63 -12.32 13.95
CA TRP A 218 -0.67 -13.75 14.30
C TRP A 218 0.76 -14.25 14.56
N GLN A 219 0.92 -15.04 15.61
CA GLN A 219 2.16 -15.66 15.96
C GLN A 219 2.04 -17.17 16.06
N ARG A 220 3.15 -17.86 15.80
CA ARG A 220 3.27 -19.29 16.10
C ARG A 220 4.61 -19.46 16.79
N GLU A 221 4.57 -20.02 18.01
CA GLU A 221 5.78 -20.21 18.83
C GLU A 221 6.61 -18.94 18.84
N GLY A 222 5.97 -17.82 19.22
CA GLY A 222 6.62 -16.52 19.26
C GLY A 222 7.30 -16.11 17.97
N GLN A 223 6.54 -16.03 16.89
CA GLN A 223 7.10 -15.71 15.59
C GLN A 223 6.03 -15.21 14.66
N ASP A 224 6.19 -14.00 14.15
CA ASP A 224 5.16 -13.36 13.31
C ASP A 224 4.89 -14.11 12.00
N GLN A 225 3.60 -14.28 11.65
CA GLN A 225 3.20 -14.90 10.38
C GLN A 225 2.66 -13.85 9.38
N SER A 226 3.29 -12.67 9.36
CA SER A 226 2.80 -11.54 8.57
C SER A 226 2.79 -11.76 7.02
N GLN A 227 3.67 -12.62 6.51
CA GLN A 227 3.68 -12.96 5.08
C GLN A 227 2.42 -13.70 4.60
N ASP A 228 2.01 -14.68 5.37
CA ASP A 228 0.88 -15.54 5.03
C ASP A 228 -0.48 -14.97 5.51
N MET A 229 -0.42 -13.98 6.39
CA MET A 229 -1.61 -13.32 6.98
C MET A 229 -2.33 -12.38 5.99
N GLU A 230 -3.66 -12.45 5.94
CA GLU A 230 -4.47 -11.43 5.28
C GLU A 230 -4.92 -10.41 6.33
N LEU A 231 -4.67 -9.14 6.06
CA LEU A 231 -4.87 -8.08 7.03
C LEU A 231 -5.64 -7.02 6.30
N VAL A 232 -6.90 -6.80 6.64
CA VAL A 232 -7.67 -5.75 5.92
C VAL A 232 -7.25 -4.40 6.43
N GLU A 233 -7.44 -3.43 5.57
CA GLU A 233 -7.31 -2.06 5.94
C GLU A 233 -8.17 -1.72 7.14
N THR A 234 -7.61 -0.98 8.10
CA THR A 234 -8.44 -0.43 9.18
C THR A 234 -9.56 0.41 8.62
N ARG A 235 -10.76 0.24 9.15
CA ARG A 235 -11.96 0.84 8.51
C ARG A 235 -12.80 1.51 9.62
N PRO A 236 -13.41 2.65 9.28
CA PRO A 236 -14.18 3.37 10.27
C PRO A 236 -15.58 2.76 10.51
N SER A 237 -16.01 2.77 11.73
CA SER A 237 -17.34 2.27 12.05
C SER A 237 -18.41 3.26 11.75
N GLY A 238 -18.04 4.52 11.74
CA GLY A 238 -18.98 5.65 11.47
C GLY A 238 -19.37 6.45 12.71
N ASP A 239 -18.95 5.98 13.88
CA ASP A 239 -19.33 6.59 15.16
C ASP A 239 -18.10 7.02 15.96
N GLY A 240 -16.96 7.15 15.28
CA GLY A 240 -15.65 7.49 15.88
C GLY A 240 -14.81 6.27 16.28
N THR A 241 -15.35 5.06 16.17
CA THR A 241 -14.52 3.87 16.41
C THR A 241 -14.08 3.24 15.09
N PHE A 242 -13.17 2.29 15.20
CA PHE A 242 -12.58 1.63 14.05
C PHE A 242 -12.64 0.12 14.19
N GLN A 243 -12.43 -0.57 13.06
CA GLN A 243 -12.48 -2.01 12.94
C GLN A 243 -11.25 -2.50 12.16
N LYS A 244 -10.77 -3.69 12.51
CA LYS A 244 -9.73 -4.36 11.75
C LYS A 244 -9.75 -5.85 12.04
N TRP A 245 -9.36 -6.66 11.04
CA TRP A 245 -9.09 -8.04 11.26
C TRP A 245 -7.89 -8.55 10.52
N ALA A 246 -7.43 -9.70 10.99
CA ALA A 246 -6.29 -10.36 10.43
C ALA A 246 -6.59 -11.85 10.40
N ALA A 247 -6.27 -12.49 9.28
CA ALA A 247 -6.59 -13.89 9.09
C ALA A 247 -5.41 -14.70 8.66
N LEU A 248 -5.40 -15.97 9.06
CA LEU A 248 -4.30 -16.87 8.73
C LEU A 248 -4.92 -18.24 8.48
N VAL A 249 -4.45 -18.95 7.45
CA VAL A 249 -4.83 -20.35 7.20
C VAL A 249 -3.79 -21.23 7.87
N VAL A 250 -4.28 -22.13 8.69
CA VAL A 250 -3.45 -23.02 9.47
C VAL A 250 -3.91 -24.48 9.26
N PRO A 251 -3.01 -25.43 9.57
CA PRO A 251 -3.37 -26.85 9.45
C PRO A 251 -4.46 -27.27 10.43
N PRO A 252 -5.43 -28.09 9.96
CA PRO A 252 -6.48 -28.57 10.87
C PRO A 252 -5.85 -29.25 12.08
N GLY A 253 -6.48 -29.06 13.23
CA GLY A 253 -5.95 -29.53 14.49
C GLY A 253 -4.82 -28.73 15.12
N GLU A 254 -4.30 -27.68 14.45
CA GLU A 254 -3.13 -26.98 14.99
C GLU A 254 -3.50 -25.61 15.51
N GLU A 255 -4.80 -25.33 15.67
CA GLU A 255 -5.29 -24.00 16.00
C GLU A 255 -4.68 -23.42 17.28
N GLN A 256 -4.53 -24.25 18.30
CA GLN A 256 -3.93 -23.77 19.56
C GLN A 256 -2.41 -23.38 19.49
N SER A 257 -1.70 -23.81 18.44
CA SER A 257 -0.33 -23.34 18.20
C SER A 257 -0.25 -21.85 17.80
N TYR A 258 -1.40 -21.23 17.49
CA TYR A 258 -1.41 -19.86 17.02
C TYR A 258 -2.09 -18.88 17.99
N THR A 259 -1.51 -17.69 18.13
CA THR A 259 -2.07 -16.68 19.01
C THR A 259 -2.08 -15.35 18.25
N CYS A 260 -3.11 -14.58 18.49
CA CYS A 260 -3.27 -13.25 17.88
C CYS A 260 -2.84 -12.20 18.91
N HIS A 261 -1.91 -11.33 18.53
CA HIS A 261 -1.35 -10.37 19.50
C HIS A 261 -1.89 -8.98 19.16
N VAL A 262 -2.54 -8.36 20.11
CA VAL A 262 -3.22 -7.05 19.90
C VAL A 262 -2.57 -6.01 20.75
N GLN A 263 -2.16 -4.90 20.12
CA GLN A 263 -1.60 -3.76 20.83
C GLN A 263 -2.41 -2.54 20.51
N HIS A 264 -2.80 -1.81 21.54
CA HIS A 264 -3.59 -0.59 21.36
C HIS A 264 -3.43 0.27 22.58
N GLU A 265 -3.47 1.59 22.40
CA GLU A 265 -3.26 2.45 23.55
C GLU A 265 -4.39 2.42 24.62
N GLY A 266 -5.58 1.95 24.27
CA GLY A 266 -6.65 1.74 25.24
C GLY A 266 -6.45 0.53 26.16
N LEU A 267 -5.50 -0.34 25.85
CA LEU A 267 -5.27 -1.54 26.62
C LEU A 267 -4.24 -1.30 27.70
N GLN A 268 -4.57 -1.72 28.91
CA GLN A 268 -3.64 -1.89 30.03
C GLN A 268 -2.29 -2.55 29.67
N GLU A 269 -2.37 -3.62 28.87
CA GLU A 269 -1.22 -4.33 28.31
C GLU A 269 -1.72 -5.12 27.05
N PRO A 270 -0.79 -5.53 26.16
CA PRO A 270 -1.20 -6.20 24.93
C PRO A 270 -1.91 -7.53 25.17
N LEU A 271 -2.75 -7.92 24.22
CA LEU A 271 -3.53 -9.14 24.37
C LEU A 271 -2.86 -10.23 23.61
N THR A 272 -2.95 -11.44 24.16
CA THR A 272 -2.56 -12.65 23.47
C THR A 272 -3.83 -13.52 23.40
N LEU A 273 -4.42 -13.64 22.22
CA LEU A 273 -5.72 -14.26 22.04
C LEU A 273 -5.61 -15.58 21.31
N ARG A 274 -6.48 -16.53 21.67
CA ARG A 274 -6.57 -17.81 21.00
C ARG A 274 -7.99 -18.07 20.58
N TRP A 275 -8.15 -18.95 19.61
CA TRP A 275 -9.45 -19.55 19.31
C TRP A 275 -9.85 -20.30 20.54
N ASP A 276 -11.03 -19.94 21.10
CA ASP A 276 -11.42 -20.36 22.44
C ASP A 276 -12.91 -20.67 22.41
N MET B 1 0.57 11.51 -13.95
N MET B 1 0.28 11.28 -14.50
CA MET B 1 -0.86 11.11 -13.72
CA MET B 1 -1.10 10.94 -14.04
C MET B 1 -0.98 9.65 -13.26
C MET B 1 -1.04 9.58 -13.33
N ILE B 2 -1.78 9.42 -12.25
CA ILE B 2 -1.98 8.12 -11.66
C ILE B 2 -3.48 7.88 -11.70
N GLN B 3 -3.84 6.60 -11.63
CA GLN B 3 -5.20 6.16 -11.51
C GLN B 3 -5.14 4.92 -10.64
N ARG B 4 -5.86 4.91 -9.52
CA ARG B 4 -5.84 3.80 -8.59
C ARG B 4 -7.25 3.38 -8.31
N THR B 5 -7.50 2.08 -8.33
CA THR B 5 -8.85 1.58 -8.21
C THR B 5 -9.29 1.53 -6.76
N PRO B 6 -10.57 1.81 -6.46
CA PRO B 6 -10.99 1.76 -5.06
C PRO B 6 -10.94 0.38 -4.45
N LYS B 7 -10.45 0.33 -3.21
CA LYS B 7 -10.70 -0.78 -2.35
C LYS B 7 -12.11 -0.57 -1.80
N ILE B 8 -12.87 -1.64 -1.66
CA ILE B 8 -14.23 -1.44 -1.24
C ILE B 8 -14.56 -2.43 -0.13
N GLN B 9 -15.00 -1.95 1.02
CA GLN B 9 -15.39 -2.87 2.11
C GLN B 9 -16.81 -2.52 2.50
N VAL B 10 -17.66 -3.57 2.65
CA VAL B 10 -19.07 -3.41 2.99
C VAL B 10 -19.27 -4.14 4.28
N TYR B 11 -19.77 -3.43 5.29
CA TYR B 11 -19.85 -4.05 6.64
C TYR B 11 -20.79 -3.24 7.51
N SER B 12 -21.13 -3.74 8.68
CA SER B 12 -22.01 -2.97 9.58
C SER B 12 -21.21 -2.30 10.69
N ARG B 13 -21.77 -1.21 11.20
CA ARG B 13 -21.18 -0.42 12.24
C ARG B 13 -20.98 -1.29 13.49
N HIS B 14 -22.01 -2.03 13.85
CA HIS B 14 -22.00 -2.93 14.98
C HIS B 14 -22.18 -4.34 14.46
N PRO B 15 -21.78 -5.37 15.24
CA PRO B 15 -22.03 -6.76 14.85
C PRO B 15 -23.52 -6.93 14.57
N ALA B 16 -23.81 -7.54 13.43
CA ALA B 16 -25.18 -7.55 12.93
C ALA B 16 -26.01 -8.59 13.67
N GLU B 17 -27.18 -8.16 14.15
CA GLU B 17 -28.18 -9.09 14.72
C GLU B 17 -29.50 -8.80 14.03
N ASN B 18 -30.08 -9.83 13.47
CA ASN B 18 -31.33 -9.72 12.76
C ASN B 18 -32.37 -9.07 13.70
N GLY B 19 -33.08 -8.06 13.17
CA GLY B 19 -34.07 -7.34 13.95
C GLY B 19 -33.57 -6.23 14.84
N LYS B 20 -32.25 -6.01 14.89
CA LYS B 20 -31.69 -4.91 15.62
C LYS B 20 -31.19 -3.83 14.70
N SER B 21 -31.66 -2.62 14.93
CA SER B 21 -31.21 -1.43 14.19
C SER B 21 -29.68 -1.28 14.22
N ASN B 22 -29.15 -0.85 13.11
CA ASN B 22 -27.69 -0.83 12.84
C ASN B 22 -27.40 0.19 11.73
N PHE B 23 -26.15 0.28 11.29
CA PHE B 23 -25.76 1.06 10.12
C PHE B 23 -24.97 0.18 9.17
N LEU B 24 -25.29 0.30 7.88
CA LEU B 24 -24.63 -0.39 6.80
C LEU B 24 -23.58 0.61 6.21
N ASN B 25 -22.35 0.18 6.12
CA ASN B 25 -21.20 1.00 5.69
C ASN B 25 -20.66 0.46 4.42
N CYS B 26 -20.32 1.39 3.51
CA CYS B 26 -19.49 1.05 2.37
C CYS B 26 -18.29 2.01 2.41
N TYR B 27 -17.12 1.42 2.74
CA TYR B 27 -15.87 2.24 2.84
C TYR B 27 -15.06 2.07 1.57
N VAL B 28 -14.86 3.18 0.82
CA VAL B 28 -14.09 3.14 -0.43
C VAL B 28 -12.82 3.93 -0.18
N SER B 29 -11.70 3.30 -0.45
CA SER B 29 -10.39 3.89 -0.13
C SER B 29 -9.37 3.57 -1.18
N GLY B 30 -8.23 4.23 -1.10
CA GLY B 30 -7.12 3.88 -1.91
C GLY B 30 -7.24 4.31 -3.37
N PHE B 31 -8.15 5.21 -3.69
CA PHE B 31 -8.49 5.54 -5.07
C PHE B 31 -7.92 6.91 -5.48
N HIS B 32 -7.77 7.08 -6.79
CA HIS B 32 -7.30 8.35 -7.42
C HIS B 32 -7.67 8.24 -8.91
N PRO B 33 -8.28 9.26 -9.50
CA PRO B 33 -8.58 10.54 -8.93
C PRO B 33 -9.88 10.49 -8.05
N SER B 34 -10.32 11.63 -7.61
CA SER B 34 -11.27 11.70 -6.50
C SER B 34 -12.74 11.48 -6.91
N ASP B 35 -13.10 11.73 -8.17
CA ASP B 35 -14.48 11.54 -8.61
C ASP B 35 -14.85 10.07 -8.45
N ILE B 36 -15.97 9.83 -7.77
CA ILE B 36 -16.42 8.44 -7.49
C ILE B 36 -17.94 8.53 -7.23
N GLU B 37 -18.68 7.49 -7.56
N GLU B 37 -18.69 7.49 -7.56
CA GLU B 37 -20.12 7.44 -7.24
CA GLU B 37 -20.13 7.46 -7.24
C GLU B 37 -20.35 6.15 -6.51
C GLU B 37 -20.36 6.15 -6.51
N VAL B 38 -21.12 6.22 -5.41
CA VAL B 38 -21.34 5.06 -4.57
C VAL B 38 -22.78 5.02 -4.22
N ASP B 39 -23.44 3.88 -4.46
CA ASP B 39 -24.81 3.63 -4.06
C ASP B 39 -24.86 2.41 -3.12
N LEU B 40 -25.78 2.44 -2.15
CA LEU B 40 -26.03 1.29 -1.32
C LEU B 40 -27.29 0.66 -1.87
N LEU B 41 -27.31 -0.67 -1.93
CA LEU B 41 -28.38 -1.45 -2.58
C LEU B 41 -29.03 -2.38 -1.59
N LYS B 42 -30.36 -2.45 -1.65
CA LYS B 42 -31.12 -3.47 -0.90
C LYS B 42 -31.84 -4.33 -1.91
N ASN B 43 -31.52 -5.64 -1.93
CA ASN B 43 -32.09 -6.56 -2.91
C ASN B 43 -31.98 -6.00 -4.34
N GLY B 44 -30.83 -5.43 -4.68
CA GLY B 44 -30.62 -4.89 -6.03
C GLY B 44 -31.10 -3.47 -6.28
N GLU B 45 -31.92 -2.92 -5.38
CA GLU B 45 -32.51 -1.58 -5.53
C GLU B 45 -31.74 -0.49 -4.76
N ARG B 46 -31.60 0.68 -5.36
CA ARG B 46 -30.85 1.77 -4.74
C ARG B 46 -31.56 2.26 -3.47
N ILE B 47 -30.79 2.34 -2.40
CA ILE B 47 -31.32 2.93 -1.14
C ILE B 47 -31.25 4.48 -1.20
N GLU B 48 -32.35 5.13 -0.89
CA GLU B 48 -32.42 6.61 -1.05
C GLU B 48 -31.72 7.48 -0.02
N LYS B 49 -31.80 7.24 1.27
CA LYS B 49 -31.23 8.27 2.17
C LYS B 49 -29.91 7.65 2.63
N VAL B 50 -28.85 7.97 1.89
CA VAL B 50 -27.48 7.47 2.15
C VAL B 50 -26.63 8.71 2.34
N GLU B 51 -25.92 8.76 3.45
CA GLU B 51 -25.04 9.88 3.75
C GLU B 51 -23.60 9.44 3.52
N HIS B 52 -22.71 10.41 3.41
CA HIS B 52 -21.31 10.09 3.21
C HIS B 52 -20.42 11.15 3.88
N SER B 53 -19.20 10.71 4.23
CA SER B 53 -18.20 11.56 4.83
C SER B 53 -17.64 12.54 3.83
N ASP B 54 -16.99 13.55 4.34
CA ASP B 54 -16.34 14.58 3.49
C ASP B 54 -15.05 14.01 2.91
N LEU B 55 -14.77 14.35 1.67
CA LEU B 55 -13.54 13.85 0.96
C LEU B 55 -12.27 14.18 1.74
N SER B 56 -11.48 13.13 1.97
CA SER B 56 -10.19 13.27 2.60
C SER B 56 -9.27 12.23 1.97
N PHE B 57 -8.03 12.16 2.42
CA PHE B 57 -7.07 11.30 1.88
C PHE B 57 -6.02 10.83 2.94
N SER B 58 -5.38 9.73 2.59
CA SER B 58 -4.37 9.07 3.42
C SER B 58 -2.96 9.69 3.16
N LYS B 59 -1.98 9.24 3.96
CA LYS B 59 -0.63 9.66 3.76
C LYS B 59 -0.05 9.35 2.40
N ASP B 60 -0.55 8.33 1.71
CA ASP B 60 -0.05 8.08 0.36
C ASP B 60 -0.79 8.84 -0.70
N TRP B 61 -1.65 9.78 -0.28
CA TRP B 61 -2.41 10.71 -1.16
C TRP B 61 -3.68 10.10 -1.71
N SER B 62 -3.90 8.85 -1.50
CA SER B 62 -5.07 8.21 -2.05
C SER B 62 -6.32 8.59 -1.20
N PHE B 63 -7.42 8.71 -1.89
CA PHE B 63 -8.66 9.17 -1.29
C PHE B 63 -9.41 8.12 -0.56
N TYR B 64 -10.24 8.58 0.40
CA TYR B 64 -11.23 7.66 1.04
C TYR B 64 -12.52 8.40 1.39
N LEU B 65 -13.62 7.63 1.35
CA LEU B 65 -14.93 8.08 1.79
C LEU B 65 -15.68 6.95 2.49
N LEU B 66 -16.50 7.31 3.46
CA LEU B 66 -17.47 6.34 4.06
C LEU B 66 -18.89 6.73 3.61
N TYR B 67 -19.61 5.76 3.03
CA TYR B 67 -21.03 5.87 2.74
C TYR B 67 -21.80 5.00 3.70
N TYR B 68 -22.89 5.51 4.26
CA TYR B 68 -23.63 4.75 5.29
C TYR B 68 -25.12 5.05 5.37
N THR B 69 -25.87 4.10 5.89
CA THR B 69 -27.31 4.26 6.04
C THR B 69 -27.79 3.42 7.19
N GLU B 70 -28.79 3.91 7.91
CA GLU B 70 -29.43 3.10 8.96
C GLU B 70 -30.09 1.90 8.30
N PHE B 71 -30.02 0.74 8.96
CA PHE B 71 -30.83 -0.42 8.53
C PHE B 71 -31.02 -1.38 9.64
N THR B 72 -31.92 -2.30 9.42
CA THR B 72 -32.12 -3.39 10.28
C THR B 72 -31.88 -4.67 9.48
N PRO B 73 -30.79 -5.40 9.77
CA PRO B 73 -30.55 -6.69 9.15
C PRO B 73 -31.68 -7.70 9.31
N THR B 74 -31.95 -8.51 8.29
CA THR B 74 -32.85 -9.63 8.40
C THR B 74 -32.22 -10.83 7.72
N GLU B 75 -32.82 -12.01 7.91
CA GLU B 75 -32.35 -13.19 7.18
C GLU B 75 -32.50 -13.05 5.66
N LYS B 76 -33.61 -12.48 5.20
CA LYS B 76 -33.94 -12.52 3.78
C LYS B 76 -33.29 -11.44 2.94
N ASP B 77 -33.03 -10.27 3.52
CA ASP B 77 -32.54 -9.13 2.71
C ASP B 77 -31.03 -9.17 2.41
N GLU B 78 -30.73 -8.92 1.15
CA GLU B 78 -29.35 -8.85 0.62
C GLU B 78 -28.95 -7.42 0.42
N TYR B 79 -27.76 -7.05 0.87
CA TYR B 79 -27.27 -5.67 0.76
C TYR B 79 -25.95 -5.68 0.02
N ALA B 80 -25.64 -4.54 -0.56
CA ALA B 80 -24.50 -4.44 -1.47
C ALA B 80 -24.14 -2.99 -1.62
N CYS B 81 -22.92 -2.78 -2.08
CA CYS B 81 -22.41 -1.46 -2.39
C CYS B 81 -22.04 -1.44 -3.86
N ARG B 82 -22.50 -0.43 -4.61
CA ARG B 82 -22.16 -0.29 -6.02
C ARG B 82 -21.33 0.96 -6.24
N VAL B 83 -20.21 0.79 -6.90
CA VAL B 83 -19.19 1.84 -7.04
C VAL B 83 -18.80 2.05 -8.48
N ASN B 84 -18.79 3.30 -8.89
CA ASN B 84 -18.21 3.58 -10.19
C ASN B 84 -17.08 4.58 -10.03
N HIS B 85 -16.08 4.38 -10.87
CA HIS B 85 -14.84 5.15 -10.83
C HIS B 85 -14.22 5.01 -12.22
N VAL B 86 -13.40 5.98 -12.62
CA VAL B 86 -12.78 5.92 -13.95
C VAL B 86 -12.00 4.62 -14.18
N THR B 87 -11.41 4.03 -13.10
CA THR B 87 -10.63 2.77 -13.23
C THR B 87 -11.49 1.52 -13.47
N LEU B 88 -12.81 1.65 -13.32
CA LEU B 88 -13.75 0.56 -13.51
C LEU B 88 -14.48 0.62 -14.86
N SER B 89 -14.48 -0.49 -15.59
CA SER B 89 -15.15 -0.55 -16.88
C SER B 89 -16.67 -0.63 -16.74
N GLN B 90 -17.16 -1.16 -15.63
CA GLN B 90 -18.60 -1.06 -15.23
C GLN B 90 -18.75 -0.93 -13.75
N PRO B 91 -19.95 -0.46 -13.27
CA PRO B 91 -20.14 -0.31 -11.82
C PRO B 91 -19.78 -1.61 -11.05
N LYS B 92 -18.98 -1.52 -10.00
CA LYS B 92 -18.55 -2.68 -9.23
C LYS B 92 -19.49 -2.89 -8.08
N ILE B 93 -20.06 -4.11 -7.95
CA ILE B 93 -20.97 -4.38 -6.86
C ILE B 93 -20.27 -5.36 -5.90
N VAL B 94 -20.20 -4.97 -4.65
CA VAL B 94 -19.65 -5.81 -3.58
C VAL B 94 -20.79 -6.14 -2.58
N LYS B 95 -21.08 -7.42 -2.40
CA LYS B 95 -22.12 -7.84 -1.50
C LYS B 95 -21.68 -7.76 -0.06
N TRP B 96 -22.61 -7.37 0.81
CA TRP B 96 -22.41 -7.43 2.24
C TRP B 96 -22.37 -8.89 2.69
N ASP B 97 -21.22 -9.28 3.22
CA ASP B 97 -21.12 -10.51 3.98
C ASP B 97 -20.98 -10.20 5.46
N ARG B 98 -21.95 -10.67 6.27
N ARG B 98 -21.93 -10.68 6.26
CA ARG B 98 -22.02 -10.46 7.73
CA ARG B 98 -22.02 -10.40 7.70
C ARG B 98 -20.77 -10.76 8.53
C ARG B 98 -20.79 -10.78 8.55
N ASP B 99 -20.02 -11.74 8.08
CA ASP B 99 -18.83 -12.19 8.79
C ASP B 99 -17.48 -11.73 8.15
N MET B 100 -17.45 -10.53 7.55
CA MET B 100 -16.26 -9.96 6.87
C MET B 100 -16.04 -8.43 7.07
N GLU C 1 -7.29 25.83 13.70
CA GLU C 1 -7.26 27.16 13.00
C GLU C 1 -6.52 27.11 11.69
N PHE C 2 -7.22 27.46 10.61
CA PHE C 2 -6.67 27.32 9.28
C PHE C 2 -5.54 28.33 9.09
N GLU C 3 -4.54 27.91 8.36
CA GLU C 3 -3.48 28.83 7.98
C GLU C 3 -3.94 30.10 7.25
N ASP C 4 -3.28 31.22 7.52
CA ASP C 4 -3.74 32.51 6.97
C ASP C 4 -2.83 33.00 5.88
N LEU C 5 -1.94 32.14 5.40
CA LEU C 5 -1.14 32.48 4.23
C LEU C 5 -1.05 31.23 3.45
N THR C 6 -1.43 31.25 2.17
CA THR C 6 -1.18 30.12 1.25
C THR C 6 -0.27 30.69 0.17
N PHE C 7 0.74 29.95 -0.21
CA PHE C 7 1.74 30.52 -1.10
C PHE C 7 1.46 30.15 -2.52
N LEU C 8 1.76 31.12 -3.41
CA LEU C 8 1.63 30.86 -4.82
C LEU C 8 2.72 29.93 -5.25
N ALA C 9 2.33 28.85 -5.92
CA ALA C 9 3.25 27.87 -6.52
C ALA C 9 3.93 28.46 -7.72
N MET D 1 9.93 -30.69 6.30
CA MET D 1 10.67 -29.41 6.20
C MET D 1 10.11 -28.36 7.19
N GLY D 2 9.00 -27.71 6.84
CA GLY D 2 8.64 -26.37 7.38
C GLY D 2 7.62 -25.66 6.48
N PRO D 3 7.34 -24.33 6.71
CA PRO D 3 6.53 -23.58 5.70
C PRO D 3 7.34 -23.26 4.44
N HIS D 4 6.81 -23.60 3.27
CA HIS D 4 7.52 -23.37 2.02
C HIS D 4 6.50 -23.25 0.92
N SER D 5 6.93 -22.66 -0.17
CA SER D 5 6.06 -22.48 -1.35
C SER D 5 6.78 -22.57 -2.67
N LEU D 6 6.03 -22.99 -3.67
CA LEU D 6 6.44 -22.92 -5.06
C LEU D 6 5.40 -22.07 -5.74
N SER D 7 5.86 -21.03 -6.43
N SER D 7 5.87 -21.06 -6.44
CA SER D 7 4.96 -20.13 -7.12
CA SER D 7 4.99 -20.16 -7.11
C SER D 7 5.55 -19.75 -8.49
C SER D 7 5.53 -19.63 -8.45
N TYR D 8 4.64 -19.43 -9.40
CA TYR D 8 5.01 -18.80 -10.70
C TYR D 8 4.20 -17.54 -10.90
N PHE D 9 4.90 -16.48 -11.31
CA PHE D 9 4.39 -15.15 -11.49
C PHE D 9 4.60 -14.82 -12.97
N SER D 10 3.49 -14.70 -13.72
CA SER D 10 3.59 -14.49 -15.12
C SER D 10 2.88 -13.17 -15.54
N THR D 11 3.48 -12.49 -16.52
CA THR D 11 2.95 -11.26 -17.03
C THR D 11 2.85 -11.30 -18.53
N ALA D 12 1.67 -11.05 -19.06
CA ALA D 12 1.47 -10.95 -20.52
C ALA D 12 1.05 -9.55 -20.85
N VAL D 13 1.74 -8.92 -21.78
CA VAL D 13 1.49 -7.51 -22.10
C VAL D 13 1.21 -7.38 -23.58
N SER D 14 0.13 -6.75 -23.95
CA SER D 14 -0.09 -6.47 -25.37
C SER D 14 0.69 -5.25 -25.77
N ARG D 15 1.24 -5.26 -26.99
CA ARG D 15 2.06 -4.14 -27.49
C ARG D 15 1.58 -3.73 -28.88
N PRO D 16 0.44 -3.06 -28.94
CA PRO D 16 -0.07 -2.60 -30.22
C PRO D 16 0.93 -1.78 -31.02
N ASP D 17 1.80 -1.01 -30.34
CA ASP D 17 2.85 -0.26 -30.99
C ASP D 17 4.02 -1.09 -31.62
N ARG D 18 4.04 -2.39 -31.34
N ARG D 18 4.04 -2.39 -31.34
CA ARG D 18 4.93 -3.35 -31.98
CA ARG D 18 4.96 -3.37 -31.97
C ARG D 18 4.20 -4.47 -32.74
C ARG D 18 4.22 -4.47 -32.75
N GLY D 19 2.87 -4.45 -32.70
CA GLY D 19 2.08 -5.49 -33.35
C GLY D 19 2.25 -6.89 -32.81
N ASP D 20 2.54 -7.01 -31.50
CA ASP D 20 2.66 -8.31 -30.89
C ASP D 20 2.36 -8.21 -29.41
N SER D 21 2.74 -9.23 -28.65
CA SER D 21 2.66 -9.16 -27.21
C SER D 21 3.89 -9.85 -26.63
N ARG D 22 4.09 -9.71 -25.33
CA ARG D 22 5.23 -10.30 -24.67
C ARG D 22 4.69 -11.08 -23.48
N PHE D 23 5.30 -12.22 -23.20
CA PHE D 23 5.01 -12.97 -22.00
C PHE D 23 6.30 -13.27 -21.23
N ILE D 24 6.30 -13.05 -19.93
CA ILE D 24 7.40 -13.33 -19.05
C ILE D 24 6.86 -14.14 -17.88
N ALA D 25 7.56 -15.19 -17.49
CA ALA D 25 7.18 -15.95 -16.31
C ALA D 25 8.43 -16.10 -15.45
N VAL D 26 8.21 -16.09 -14.14
CA VAL D 26 9.29 -16.32 -13.19
C VAL D 26 8.80 -17.31 -12.16
N GLY D 27 9.62 -18.27 -11.79
CA GLY D 27 9.35 -19.19 -10.78
C GLY D 27 10.17 -18.95 -9.51
N TYR D 28 9.53 -19.19 -8.36
CA TYR D 28 10.19 -19.04 -7.05
C TYR D 28 9.96 -20.23 -6.20
N VAL D 29 10.96 -20.54 -5.39
CA VAL D 29 10.76 -21.35 -4.19
C VAL D 29 10.99 -20.38 -3.08
N ASP D 30 9.98 -20.19 -2.23
CA ASP D 30 10.02 -19.24 -1.12
C ASP D 30 10.40 -17.83 -1.68
N ASP D 31 11.47 -17.20 -1.19
CA ASP D 31 11.83 -15.88 -1.70
C ASP D 31 12.77 -15.95 -2.91
N THR D 32 13.08 -17.15 -3.37
CA THR D 32 14.27 -17.37 -4.23
C THR D 32 13.81 -17.71 -5.63
N GLN D 33 14.04 -16.78 -6.55
CA GLN D 33 13.77 -17.07 -7.95
C GLN D 33 14.67 -18.21 -8.45
N PHE D 34 14.10 -19.14 -9.21
CA PHE D 34 14.90 -20.23 -9.78
C PHE D 34 14.80 -20.47 -11.28
N VAL D 35 13.79 -19.91 -11.92
CA VAL D 35 13.64 -20.04 -13.37
C VAL D 35 13.02 -18.78 -13.90
N ARG D 36 13.21 -18.58 -15.22
CA ARG D 36 12.52 -17.57 -15.96
C ARG D 36 12.20 -18.02 -17.34
N PHE D 37 11.26 -17.33 -17.95
CA PHE D 37 10.93 -17.49 -19.36
C PHE D 37 10.61 -16.12 -19.90
N ASP D 38 11.14 -15.80 -21.07
CA ASP D 38 10.85 -14.50 -21.71
C ASP D 38 10.62 -14.75 -23.20
N SER D 39 9.41 -14.45 -23.65
CA SER D 39 9.03 -14.66 -25.07
C SER D 39 9.83 -13.79 -26.04
N ASP D 40 10.42 -12.71 -25.56
CA ASP D 40 11.24 -11.86 -26.41
C ASP D 40 12.68 -12.36 -26.55
N ALA D 41 13.14 -13.30 -25.69
CA ALA D 41 14.49 -13.89 -25.84
C ALA D 41 14.67 -14.51 -27.21
N PRO D 42 15.88 -14.46 -27.77
CA PRO D 42 16.16 -15.32 -28.92
C PRO D 42 16.06 -16.79 -28.49
N ASN D 43 15.37 -17.63 -29.24
CA ASN D 43 15.19 -19.02 -28.82
C ASN D 43 14.60 -19.13 -27.38
N PRO D 44 13.39 -18.60 -27.15
CA PRO D 44 12.81 -18.59 -25.80
C PRO D 44 12.73 -19.99 -25.17
N ARG D 45 13.33 -20.11 -23.98
CA ARG D 45 13.46 -21.38 -23.25
C ARG D 45 13.16 -21.09 -21.80
N MET D 46 12.68 -22.08 -21.07
CA MET D 46 12.74 -21.94 -19.61
C MET D 46 14.19 -22.02 -19.22
N GLU D 47 14.66 -21.04 -18.44
CA GLU D 47 16.09 -20.90 -18.13
C GLU D 47 16.31 -20.96 -16.62
N PRO D 48 17.42 -21.55 -16.20
CA PRO D 48 17.76 -21.56 -14.77
C PRO D 48 18.20 -20.17 -14.28
N ARG D 49 17.78 -19.83 -13.06
CA ARG D 49 18.13 -18.56 -12.39
C ARG D 49 18.65 -18.73 -10.97
N ALA D 50 18.83 -19.97 -10.53
CA ALA D 50 19.53 -20.30 -9.32
C ALA D 50 20.51 -21.47 -9.60
N PRO D 51 21.68 -21.50 -8.95
CA PRO D 51 22.62 -22.60 -9.18
C PRO D 51 22.04 -24.02 -8.90
N TRP D 52 21.16 -24.14 -7.91
CA TRP D 52 20.64 -25.44 -7.50
C TRP D 52 19.63 -26.11 -8.41
N ILE D 53 19.15 -25.37 -9.41
CA ILE D 53 18.30 -25.97 -10.44
C ILE D 53 19.12 -26.36 -11.67
N GLN D 54 20.35 -25.91 -11.76
CA GLN D 54 21.15 -26.09 -12.99
C GLN D 54 21.39 -27.54 -13.34
N GLN D 55 21.48 -28.38 -12.31
CA GLN D 55 21.63 -29.82 -12.50
C GLN D 55 20.41 -30.55 -13.07
N GLU D 56 19.24 -29.92 -13.15
CA GLU D 56 18.09 -30.58 -13.82
C GLU D 56 18.51 -30.99 -15.26
N GLY D 57 18.11 -32.20 -15.67
CA GLY D 57 18.50 -32.73 -16.96
C GLY D 57 17.72 -32.06 -18.09
N GLN D 58 18.15 -32.32 -19.31
CA GLN D 58 17.56 -31.71 -20.49
C GLN D 58 16.07 -31.95 -20.60
N GLU D 59 15.58 -33.15 -20.26
N GLU D 59 15.60 -33.16 -20.27
CA GLU D 59 14.16 -33.43 -20.38
CA GLU D 59 14.16 -33.44 -20.33
C GLU D 59 13.31 -32.50 -19.48
C GLU D 59 13.32 -32.50 -19.48
N TYR D 60 13.83 -32.15 -18.29
CA TYR D 60 13.19 -31.15 -17.45
C TYR D 60 13.09 -29.78 -18.14
N TRP D 61 14.21 -29.35 -18.72
CA TRP D 61 14.26 -28.06 -19.44
C TRP D 61 13.33 -28.06 -20.65
N ASP D 62 13.35 -29.15 -21.39
CA ASP D 62 12.50 -29.29 -22.57
C ASP D 62 10.98 -29.28 -22.24
N ARG D 63 10.60 -30.09 -21.23
CA ARG D 63 9.20 -30.17 -20.79
C ARG D 63 8.67 -28.83 -20.22
N ASN D 64 9.45 -28.24 -19.34
CA ASN D 64 9.07 -26.99 -18.72
C ASN D 64 8.97 -25.89 -19.78
N THR D 65 9.88 -25.94 -20.76
CA THR D 65 9.84 -25.02 -21.89
C THR D 65 8.57 -25.22 -22.73
N ARG D 66 8.22 -26.46 -23.04
CA ARG D 66 7.00 -26.71 -23.81
C ARG D 66 5.76 -26.19 -23.08
N ASN D 67 5.69 -26.41 -21.78
CA ASN D 67 4.55 -25.98 -21.01
C ASN D 67 4.46 -24.47 -20.82
N VAL D 68 5.60 -23.81 -20.51
CA VAL D 68 5.55 -22.37 -20.39
C VAL D 68 5.28 -21.71 -21.77
N MET D 69 5.85 -22.28 -22.83
CA MET D 69 5.61 -21.72 -24.19
C MET D 69 4.13 -21.84 -24.54
N GLY D 70 3.52 -22.97 -24.19
CA GLY D 70 2.10 -23.20 -24.39
C GLY D 70 1.28 -22.16 -23.68
N SER D 71 1.68 -21.87 -22.43
CA SER D 71 1.02 -20.89 -21.62
C SER D 71 1.20 -19.49 -22.17
N ALA D 72 2.38 -19.22 -22.79
CA ALA D 72 2.61 -17.93 -23.36
C ALA D 72 1.68 -17.69 -24.52
N GLN D 73 1.53 -18.75 -25.34
CA GLN D 73 0.67 -18.66 -26.54
C GLN D 73 -0.77 -18.42 -26.10
N ILE D 74 -1.21 -19.16 -25.09
CA ILE D 74 -2.59 -19.02 -24.60
C ILE D 74 -2.83 -17.64 -23.98
N ASN D 75 -1.88 -17.12 -23.20
CA ASN D 75 -2.07 -15.84 -22.58
C ASN D 75 -2.01 -14.69 -23.57
N ARG D 76 -1.28 -14.86 -24.64
CA ARG D 76 -1.31 -13.90 -25.75
C ARG D 76 -2.71 -13.88 -26.39
N VAL D 77 -3.29 -15.07 -26.59
CA VAL D 77 -4.64 -15.11 -27.11
C VAL D 77 -5.64 -14.47 -26.11
N ASN D 78 -5.45 -14.78 -24.82
CA ASN D 78 -6.30 -14.22 -23.79
C ASN D 78 -6.33 -12.71 -23.76
N LEU D 79 -5.19 -12.09 -24.06
CA LEU D 79 -5.19 -10.64 -24.18
C LEU D 79 -6.18 -10.13 -25.21
N LYS D 80 -6.18 -10.76 -26.37
CA LYS D 80 -7.12 -10.40 -27.48
C LYS D 80 -8.56 -10.65 -27.04
N THR D 81 -8.78 -11.81 -26.40
CA THR D 81 -10.10 -12.15 -25.93
C THR D 81 -10.67 -11.09 -24.95
N LEU D 82 -9.87 -10.76 -23.95
CA LEU D 82 -10.27 -9.78 -22.96
C LEU D 82 -10.53 -8.39 -23.55
N ARG D 83 -9.68 -7.94 -24.46
CA ARG D 83 -9.95 -6.72 -25.20
C ARG D 83 -11.35 -6.72 -25.83
N GLY D 84 -11.72 -7.85 -26.40
CA GLY D 84 -13.10 -8.01 -26.93
C GLY D 84 -14.18 -7.99 -25.83
N TYR D 85 -13.95 -8.69 -24.71
CA TYR D 85 -14.95 -8.67 -23.63
C TYR D 85 -15.27 -7.27 -23.07
N TYR D 86 -14.23 -6.44 -22.95
CA TYR D 86 -14.37 -5.06 -22.43
C TYR D 86 -14.61 -4.03 -23.53
N ASN D 87 -14.75 -4.50 -24.76
CA ASN D 87 -14.92 -3.62 -25.94
C ASN D 87 -13.86 -2.49 -26.04
N GLN D 88 -12.59 -2.87 -25.89
CA GLN D 88 -11.52 -1.90 -25.81
C GLN D 88 -10.94 -1.71 -27.20
N SER D 89 -10.38 -0.54 -27.41
CA SER D 89 -9.69 -0.19 -28.66
C SER D 89 -8.48 -1.13 -28.91
N GLU D 90 -8.14 -1.35 -30.18
CA GLU D 90 -6.94 -2.06 -30.58
C GLU D 90 -5.66 -1.26 -30.27
N ALA D 91 -5.80 0.04 -30.02
CA ALA D 91 -4.66 0.96 -29.87
C ALA D 91 -3.94 0.85 -28.51
N GLY D 92 -4.66 0.46 -27.47
CA GLY D 92 -4.07 0.53 -26.14
C GLY D 92 -3.33 -0.72 -25.71
N SER D 93 -2.29 -0.54 -24.89
CA SER D 93 -1.57 -1.69 -24.30
C SER D 93 -2.30 -2.16 -23.01
N HIS D 94 -2.39 -3.47 -22.84
CA HIS D 94 -3.07 -4.06 -21.68
C HIS D 94 -2.20 -5.13 -21.07
N THR D 95 -2.50 -5.43 -19.79
CA THR D 95 -1.66 -6.36 -19.02
C THR D 95 -2.51 -7.45 -18.41
N LEU D 96 -2.13 -8.69 -18.60
CA LEU D 96 -2.75 -9.82 -17.89
C LEU D 96 -1.70 -10.48 -17.01
N GLN D 97 -1.91 -10.45 -15.70
CA GLN D 97 -1.01 -11.07 -14.75
C GLN D 97 -1.62 -12.33 -14.20
N TRP D 98 -0.77 -13.27 -13.83
CA TRP D 98 -1.19 -14.59 -13.39
C TRP D 98 -0.22 -15.06 -12.33
N MET D 99 -0.72 -15.46 -11.21
CA MET D 99 0.09 -16.04 -10.14
C MET D 99 -0.57 -17.32 -9.68
N TYR D 100 0.21 -18.38 -9.54
CA TYR D 100 -0.34 -19.61 -9.05
C TYR D 100 0.76 -20.29 -8.21
N GLY D 101 0.36 -21.22 -7.38
CA GLY D 101 1.31 -21.85 -6.49
C GLY D 101 0.75 -22.70 -5.41
N CYS D 102 1.67 -23.35 -4.70
CA CYS D 102 1.29 -24.22 -3.65
C CYS D 102 2.13 -23.88 -2.43
N TYR D 103 1.47 -23.90 -1.29
CA TYR D 103 2.07 -23.62 0.00
C TYR D 103 1.97 -24.86 0.82
N LEU D 104 3.10 -25.20 1.41
CA LEU D 104 3.21 -26.29 2.29
C LEU D 104 3.16 -25.71 3.72
N GLY D 105 2.48 -26.40 4.58
CA GLY D 105 2.26 -25.93 5.97
C GLY D 105 3.41 -26.33 6.86
N PRO D 106 3.38 -25.93 8.14
CA PRO D 106 4.54 -26.26 8.98
C PRO D 106 4.82 -27.76 9.06
N ASP D 107 3.77 -28.57 8.88
CA ASP D 107 3.88 -30.03 8.81
C ASP D 107 4.36 -30.62 7.47
N GLY D 108 4.76 -29.77 6.52
CA GLY D 108 5.19 -30.22 5.21
C GLY D 108 4.03 -30.61 4.27
N LEU D 109 2.78 -30.50 4.71
CA LEU D 109 1.64 -30.96 3.87
C LEU D 109 1.08 -29.78 3.11
N LEU D 110 0.47 -30.01 1.94
CA LEU D 110 -0.21 -28.91 1.22
C LEU D 110 -1.26 -28.23 2.06
N LEU D 111 -1.14 -26.94 2.19
CA LEU D 111 -1.96 -26.12 3.04
C LEU D 111 -2.85 -25.16 2.26
N ARG D 112 -2.31 -24.54 1.22
N ARG D 112 -2.28 -24.40 1.33
CA ARG D 112 -3.02 -23.54 0.42
CA ARG D 112 -3.07 -23.60 0.38
C ARG D 112 -2.58 -23.72 -1.02
C ARG D 112 -2.57 -23.68 -1.04
N GLY D 113 -3.50 -23.68 -1.98
CA GLY D 113 -3.11 -23.49 -3.37
C GLY D 113 -3.83 -22.26 -3.92
N TYR D 114 -3.28 -21.73 -4.99
CA TYR D 114 -3.88 -20.55 -5.58
C TYR D 114 -3.62 -20.45 -7.09
N ASP D 115 -4.53 -19.79 -7.77
CA ASP D 115 -4.47 -19.64 -9.23
C ASP D 115 -5.29 -18.42 -9.51
N GLN D 116 -4.64 -17.29 -9.80
CA GLN D 116 -5.36 -16.05 -9.93
C GLN D 116 -4.80 -15.14 -10.98
N PHE D 117 -5.70 -14.32 -11.49
CA PHE D 117 -5.47 -13.43 -12.64
C PHE D 117 -5.91 -11.98 -12.36
N ALA D 118 -5.18 -11.01 -12.91
CA ALA D 118 -5.55 -9.64 -12.85
C ALA D 118 -5.45 -9.07 -14.25
N TYR D 119 -6.35 -8.21 -14.58
CA TYR D 119 -6.31 -7.52 -15.84
C TYR D 119 -6.16 -6.05 -15.58
N ASP D 120 -5.17 -5.45 -16.27
CA ASP D 120 -4.80 -4.07 -16.08
C ASP D 120 -4.76 -3.66 -14.61
N GLY D 121 -4.16 -4.54 -13.82
CA GLY D 121 -3.83 -4.21 -12.45
C GLY D 121 -4.87 -4.49 -11.39
N ALA D 122 -6.00 -5.07 -11.80
CA ALA D 122 -7.14 -5.29 -10.89
C ALA D 122 -7.54 -6.76 -11.00
N ASP D 123 -8.00 -7.35 -9.87
CA ASP D 123 -8.46 -8.72 -9.87
C ASP D 123 -9.42 -8.97 -11.02
N TYR D 124 -9.24 -10.10 -11.67
CA TYR D 124 -10.14 -10.55 -12.78
C TYR D 124 -10.85 -11.83 -12.38
N LEU D 125 -10.09 -12.89 -12.13
CA LEU D 125 -10.66 -14.21 -11.87
C LEU D 125 -9.68 -14.98 -11.01
N ALA D 126 -10.20 -15.62 -9.97
CA ALA D 126 -9.39 -16.37 -9.01
C ALA D 126 -10.01 -17.70 -8.63
N LEU D 127 -9.18 -18.72 -8.52
CA LEU D 127 -9.61 -20.01 -7.93
C LEU D 127 -9.78 -19.78 -6.46
N ASN D 128 -10.94 -20.14 -5.95
CA ASN D 128 -11.20 -20.00 -4.53
C ASN D 128 -10.35 -20.96 -3.73
N GLU D 129 -10.23 -20.69 -2.42
CA GLU D 129 -9.36 -21.49 -1.58
C GLU D 129 -9.80 -22.91 -1.47
N ASP D 130 -11.10 -23.21 -1.64
CA ASP D 130 -11.50 -24.61 -1.71
C ASP D 130 -11.05 -25.39 -2.93
N LEU D 131 -10.47 -24.71 -3.90
CA LEU D 131 -10.00 -25.25 -5.17
C LEU D 131 -11.11 -26.01 -5.95
N ARG D 132 -12.36 -25.59 -5.68
CA ARG D 132 -13.51 -26.17 -6.34
C ARG D 132 -14.35 -25.19 -7.10
N SER D 133 -14.05 -23.90 -7.00
CA SER D 133 -14.94 -22.86 -7.47
C SER D 133 -14.13 -21.66 -7.81
N TRP D 134 -14.72 -20.74 -8.55
CA TRP D 134 -14.00 -19.53 -9.02
C TRP D 134 -14.71 -18.25 -8.60
N THR D 135 -13.94 -17.19 -8.35
CA THR D 135 -14.53 -15.84 -8.10
C THR D 135 -14.17 -14.90 -9.23
N ALA D 136 -15.21 -14.44 -9.92
CA ALA D 136 -15.08 -13.49 -11.02
C ALA D 136 -15.33 -12.12 -10.50
N ALA D 137 -14.51 -11.17 -10.95
CA ALA D 137 -14.60 -9.78 -10.45
C ALA D 137 -15.65 -8.93 -11.15
N ASP D 138 -16.07 -9.30 -12.34
CA ASP D 138 -16.98 -8.49 -13.14
C ASP D 138 -17.60 -9.37 -14.26
N MET D 139 -18.42 -8.77 -15.08
CA MET D 139 -19.18 -9.50 -16.08
C MET D 139 -18.27 -10.12 -17.14
N ALA D 140 -17.19 -9.43 -17.55
CA ALA D 140 -16.20 -10.04 -18.45
C ALA D 140 -15.64 -11.34 -17.85
N ALA D 141 -15.17 -11.26 -16.59
CA ALA D 141 -14.61 -12.43 -15.94
C ALA D 141 -15.64 -13.57 -15.78
N GLN D 142 -16.92 -13.22 -15.64
CA GLN D 142 -17.97 -14.24 -15.59
C GLN D 142 -18.00 -15.05 -16.89
N ILE D 143 -17.61 -14.46 -18.02
CA ILE D 143 -17.54 -15.21 -19.30
C ILE D 143 -16.46 -16.27 -19.20
N SER D 144 -15.29 -15.86 -18.72
CA SER D 144 -14.17 -16.75 -18.56
C SER D 144 -14.48 -17.83 -17.51
N LYS D 145 -15.20 -17.41 -16.48
CA LYS D 145 -15.60 -18.40 -15.45
C LYS D 145 -16.46 -19.51 -15.98
N ARG D 146 -17.44 -19.13 -16.80
CA ARG D 146 -18.28 -20.13 -17.44
C ARG D 146 -17.49 -21.06 -18.33
N LYS D 147 -16.53 -20.55 -19.09
CA LYS D 147 -15.66 -21.43 -19.89
C LYS D 147 -14.89 -22.40 -19.03
N TRP D 148 -14.37 -21.91 -17.93
CA TRP D 148 -13.55 -22.77 -17.07
C TRP D 148 -14.42 -23.77 -16.33
N GLU D 149 -15.65 -23.40 -16.01
CA GLU D 149 -16.61 -24.39 -15.44
C GLU D 149 -16.86 -25.50 -16.47
N ALA D 150 -17.12 -25.08 -17.71
CA ALA D 150 -17.37 -26.06 -18.79
C ALA D 150 -16.16 -26.97 -19.10
N ALA D 151 -14.96 -26.50 -18.83
CA ALA D 151 -13.71 -27.26 -19.02
C ALA D 151 -13.31 -28.08 -17.77
N ASP D 152 -14.14 -28.07 -16.73
CA ASP D 152 -13.68 -28.66 -15.44
C ASP D 152 -12.31 -28.21 -14.99
N ALA D 153 -12.01 -26.95 -15.23
CA ALA D 153 -10.65 -26.41 -14.94
C ALA D 153 -10.29 -26.51 -13.44
N ALA D 154 -11.24 -26.31 -12.55
CA ALA D 154 -10.92 -26.34 -11.08
C ALA D 154 -10.42 -27.72 -10.69
N GLU D 155 -11.02 -28.78 -11.26
CA GLU D 155 -10.59 -30.13 -10.93
C GLU D 155 -9.16 -30.41 -11.44
N HIS D 156 -8.84 -29.94 -12.65
CA HIS D 156 -7.46 -30.02 -13.16
C HIS D 156 -6.50 -29.25 -12.28
N TRP D 157 -6.90 -28.06 -11.83
CA TRP D 157 -6.02 -27.29 -10.93
C TRP D 157 -5.81 -27.95 -9.58
N ARG D 158 -6.87 -28.50 -9.02
CA ARG D 158 -6.73 -29.25 -7.76
C ARG D 158 -5.72 -30.40 -7.87
N SER D 159 -5.78 -31.17 -8.98
CA SER D 159 -4.85 -32.25 -9.18
C SER D 159 -3.43 -31.75 -9.33
N TYR D 160 -3.22 -30.68 -10.10
CA TYR D 160 -1.88 -30.09 -10.25
C TYR D 160 -1.34 -29.60 -8.90
N LEU D 161 -2.15 -28.85 -8.15
CA LEU D 161 -1.67 -28.18 -6.93
C LEU D 161 -1.40 -29.22 -5.83
N GLN D 162 -2.21 -30.29 -5.78
CA GLN D 162 -2.00 -31.33 -4.79
C GLN D 162 -0.89 -32.31 -5.16
N GLY D 163 -0.67 -32.53 -6.45
CA GLY D 163 0.25 -33.53 -6.95
C GLY D 163 1.53 -32.85 -7.39
N THR D 164 1.61 -32.54 -8.69
CA THR D 164 2.84 -32.03 -9.30
C THR D 164 3.47 -30.85 -8.59
N CYS D 165 2.66 -29.87 -8.20
CA CYS D 165 3.18 -28.67 -7.57
C CYS D 165 3.96 -29.01 -6.27
N VAL D 166 3.27 -29.71 -5.38
CA VAL D 166 3.85 -30.11 -4.10
C VAL D 166 5.03 -31.06 -4.26
N GLU D 167 4.92 -32.02 -5.15
CA GLU D 167 5.99 -32.99 -5.33
C GLU D 167 7.28 -32.32 -5.88
N SER D 168 7.10 -31.42 -6.84
N SER D 168 7.10 -31.44 -6.88
CA SER D 168 8.22 -30.67 -7.40
CA SER D 168 8.22 -30.67 -7.44
C SER D 168 8.88 -29.78 -6.35
C SER D 168 8.86 -29.76 -6.39
N LEU D 169 8.02 -29.15 -5.56
CA LEU D 169 8.46 -28.32 -4.44
C LEU D 169 9.35 -29.10 -3.51
N ARG D 170 8.92 -30.31 -3.20
CA ARG D 170 9.69 -31.10 -2.26
C ARG D 170 11.07 -31.48 -2.84
N ARG D 171 11.14 -31.77 -4.12
CA ARG D 171 12.42 -32.05 -4.78
C ARG D 171 13.28 -30.80 -4.80
N TYR D 172 12.68 -29.63 -5.08
CA TYR D 172 13.48 -28.40 -5.12
C TYR D 172 14.11 -28.09 -3.76
N LEU D 173 13.31 -28.25 -2.72
CA LEU D 173 13.78 -28.04 -1.35
C LEU D 173 15.01 -28.90 -0.99
N GLN D 174 15.00 -30.17 -1.42
CA GLN D 174 16.13 -31.10 -1.26
C GLN D 174 17.36 -30.61 -2.04
N MET D 175 17.15 -30.29 -3.32
CA MET D 175 18.23 -29.83 -4.21
C MET D 175 18.88 -28.53 -3.73
N GLY D 176 18.05 -27.63 -3.21
CA GLY D 176 18.54 -26.31 -2.74
C GLY D 176 18.69 -26.22 -1.23
N LYS D 177 18.81 -27.34 -0.54
CA LYS D 177 18.67 -27.36 0.92
C LYS D 177 19.62 -26.38 1.62
N ASP D 178 20.87 -26.33 1.18
CA ASP D 178 21.89 -25.50 1.88
C ASP D 178 21.67 -24.00 1.82
N THR D 179 20.84 -23.55 0.88
CA THR D 179 20.43 -22.16 0.87
C THR D 179 18.96 -21.96 1.23
N LEU D 180 18.05 -22.80 0.72
CA LEU D 180 16.61 -22.60 0.94
C LEU D 180 16.09 -22.90 2.36
N GLN D 181 16.77 -23.79 3.08
CA GLN D 181 16.31 -24.24 4.40
C GLN D 181 17.11 -23.66 5.57
N ARG D 182 17.99 -22.71 5.30
CA ARG D 182 18.84 -22.11 6.31
C ARG D 182 18.46 -20.64 6.36
N ALA D 183 18.18 -20.13 7.54
CA ALA D 183 17.88 -18.71 7.74
C ALA D 183 19.13 -18.03 8.20
N GLU D 184 19.33 -16.78 7.80
CA GLU D 184 20.46 -15.96 8.21
C GLU D 184 19.87 -14.76 8.98
N PRO D 185 20.27 -14.53 10.25
CA PRO D 185 19.64 -13.48 11.01
C PRO D 185 20.07 -12.10 10.57
N PRO D 186 19.31 -11.06 10.94
CA PRO D 186 19.73 -9.71 10.60
C PRO D 186 20.96 -9.23 11.40
N LYS D 187 21.82 -8.47 10.75
CA LYS D 187 22.76 -7.57 11.47
C LYS D 187 22.03 -6.26 11.68
N THR D 188 22.10 -5.74 12.87
CA THR D 188 21.31 -4.61 13.23
C THR D 188 22.17 -3.47 13.66
N HIS D 189 21.56 -2.27 13.68
CA HIS D 189 22.13 -1.12 14.34
C HIS D 189 21.11 -0.03 14.46
N VAL D 190 21.34 0.87 15.39
CA VAL D 190 20.44 1.98 15.63
C VAL D 190 21.24 3.26 15.41
N THR D 191 20.79 4.12 14.51
CA THR D 191 21.39 5.43 14.34
C THR D 191 20.52 6.55 15.00
N ARG D 192 21.20 7.68 15.25
CA ARG D 192 20.57 8.82 15.87
C ARG D 192 21.06 10.09 15.24
N HIS D 193 20.13 10.92 14.72
CA HIS D 193 20.52 12.17 14.04
C HIS D 193 19.52 13.24 14.40
N PRO D 194 20.00 14.40 14.90
CA PRO D 194 19.09 15.53 15.08
C PRO D 194 18.44 15.84 13.74
N SER D 195 17.12 15.95 13.73
CA SER D 195 16.42 16.17 12.48
C SER D 195 15.68 17.51 12.44
N SER D 196 15.47 18.09 13.61
CA SER D 196 15.02 19.46 13.70
C SER D 196 15.52 20.00 15.03
N ASP D 197 15.16 21.24 15.30
CA ASP D 197 15.46 21.85 16.60
C ASP D 197 14.69 21.15 17.74
N LEU D 198 13.60 20.47 17.39
CA LEU D 198 12.66 19.89 18.34
C LEU D 198 12.82 18.38 18.47
N GLY D 199 13.47 17.75 17.51
CA GLY D 199 13.43 16.31 17.38
C GLY D 199 14.73 15.67 16.95
N VAL D 200 14.80 14.39 17.30
CA VAL D 200 15.86 13.49 16.97
C VAL D 200 15.25 12.30 16.25
N THR D 201 15.84 11.92 15.13
CA THR D 201 15.43 10.71 14.45
C THR D 201 16.25 9.50 14.89
N LEU D 202 15.57 8.50 15.44
CA LEU D 202 16.14 7.17 15.71
C LEU D 202 15.76 6.24 14.56
N ARG D 203 16.74 5.56 13.99
CA ARG D 203 16.50 4.59 12.94
C ARG D 203 17.07 3.25 13.30
N CYS D 204 16.24 2.24 13.24
CA CYS D 204 16.58 0.86 13.56
C CYS D 204 16.72 0.11 12.25
N TRP D 205 17.94 -0.42 11.99
CA TRP D 205 18.24 -1.13 10.77
C TRP D 205 18.38 -2.61 10.94
N ALA D 206 17.98 -3.34 9.93
CA ALA D 206 18.23 -4.76 9.84
C ALA D 206 18.74 -5.01 8.44
N LEU D 207 19.90 -5.64 8.33
CA LEU D 207 20.49 -5.91 7.07
C LEU D 207 20.93 -7.37 7.00
N GLY D 208 21.07 -7.89 5.80
CA GLY D 208 21.81 -9.18 5.64
C GLY D 208 21.04 -10.43 6.02
N PHE D 209 19.71 -10.31 6.08
CA PHE D 209 18.86 -11.38 6.56
C PHE D 209 18.14 -12.10 5.46
N HIS D 210 17.82 -13.38 5.71
CA HIS D 210 16.92 -14.13 4.90
C HIS D 210 16.31 -15.23 5.77
N PRO D 211 15.05 -15.55 5.60
CA PRO D 211 14.13 -14.99 4.58
C PRO D 211 13.66 -13.58 4.81
N LYS D 212 12.94 -13.02 3.81
CA LYS D 212 12.53 -11.60 3.81
C LYS D 212 11.65 -11.16 4.97
N GLU D 213 10.91 -12.12 5.49
CA GLU D 213 9.97 -11.81 6.56
C GLU D 213 10.69 -11.43 7.80
N ILE D 214 10.29 -10.29 8.35
CA ILE D 214 10.94 -9.73 9.55
C ILE D 214 9.95 -8.78 10.22
N SER D 215 10.06 -8.66 11.53
CA SER D 215 9.33 -7.61 12.24
C SER D 215 10.32 -6.63 12.90
N LEU D 216 10.14 -5.36 12.60
CA LEU D 216 10.87 -4.24 13.21
C LEU D 216 9.88 -3.24 13.71
N THR D 217 9.88 -3.02 15.01
CA THR D 217 8.88 -2.15 15.62
C THR D 217 9.56 -1.33 16.70
N TRP D 218 9.27 -0.03 16.74
CA TRP D 218 9.70 0.82 17.85
C TRP D 218 8.63 0.77 18.94
N GLN D 219 9.10 0.69 20.19
CA GLN D 219 8.27 0.72 21.36
C GLN D 219 8.69 1.85 22.28
N ARG D 220 7.74 2.40 23.05
CA ARG D 220 8.04 3.24 24.20
C ARG D 220 7.26 2.69 25.38
N GLU D 221 7.97 2.31 26.44
CA GLU D 221 7.39 1.64 27.61
C GLU D 221 6.36 0.58 27.19
N GLY D 222 6.82 -0.37 26.39
CA GLY D 222 5.99 -1.45 25.87
C GLY D 222 4.73 -0.98 25.18
N GLN D 223 4.89 -0.21 24.11
CA GLN D 223 3.75 0.35 23.38
C GLN D 223 4.22 0.69 21.97
N ASP D 224 3.57 0.11 20.98
CA ASP D 224 3.99 0.26 19.59
C ASP D 224 3.83 1.69 19.06
N GLN D 225 4.82 2.20 18.33
CA GLN D 225 4.77 3.57 17.75
C GLN D 225 4.47 3.61 16.23
N SER D 226 3.67 2.67 15.76
CA SER D 226 3.53 2.42 14.30
C SER D 226 2.93 3.59 13.47
N GLN D 227 2.09 4.43 14.08
CA GLN D 227 1.53 5.61 13.33
C GLN D 227 2.60 6.65 12.98
N ASP D 228 3.46 6.94 13.95
CA ASP D 228 4.46 8.00 13.80
C ASP D 228 5.77 7.48 13.14
N MET D 229 5.91 6.15 13.08
CA MET D 229 7.08 5.46 12.50
C MET D 229 7.13 5.53 10.97
N GLU D 230 8.32 5.80 10.40
CA GLU D 230 8.55 5.58 8.98
C GLU D 230 9.19 4.20 8.82
N LEU D 231 8.60 3.37 7.98
CA LEU D 231 9.03 1.99 7.86
C LEU D 231 9.17 1.78 6.37
N VAL D 232 10.41 1.66 5.87
CA VAL D 232 10.56 1.46 4.43
C VAL D 232 10.18 0.04 4.09
N GLU D 233 9.80 -0.09 2.84
CA GLU D 233 9.56 -1.37 2.26
C GLU D 233 10.81 -2.22 2.37
N THR D 234 10.65 -3.49 2.74
CA THR D 234 11.75 -4.44 2.68
C THR D 234 12.33 -4.48 1.27
N ARG D 235 13.64 -4.45 1.16
CA ARG D 235 14.28 -4.26 -0.16
C ARG D 235 15.40 -5.29 -0.30
N PRO D 236 15.57 -5.81 -1.51
CA PRO D 236 16.56 -6.82 -1.77
C PRO D 236 17.98 -6.26 -1.83
N SER D 237 18.91 -6.97 -1.26
CA SER D 237 20.29 -6.57 -1.34
C SER D 237 20.89 -6.93 -2.64
N GLY D 238 20.34 -7.93 -3.30
CA GLY D 238 20.87 -8.42 -4.60
C GLY D 238 21.54 -9.77 -4.54
N ASP D 239 21.81 -10.27 -3.34
CA ASP D 239 22.59 -11.48 -3.11
C ASP D 239 21.78 -12.54 -2.34
N GLY D 240 20.47 -12.39 -2.29
CA GLY D 240 19.56 -13.28 -1.53
C GLY D 240 19.25 -12.80 -0.12
N THR D 241 19.89 -11.73 0.34
CA THR D 241 19.53 -11.12 1.60
C THR D 241 18.69 -9.89 1.39
N PHE D 242 18.12 -9.43 2.52
CA PHE D 242 17.18 -8.32 2.50
C PHE D 242 17.57 -7.27 3.52
N GLN D 243 16.98 -6.08 3.37
CA GLN D 243 17.22 -4.91 4.20
C GLN D 243 15.88 -4.29 4.59
N LYS D 244 15.82 -3.75 5.79
CA LYS D 244 14.67 -2.93 6.21
C LYS D 244 15.12 -2.01 7.35
N TRP D 245 14.50 -0.84 7.41
CA TRP D 245 14.62 0.04 8.56
C TRP D 245 13.32 0.67 8.96
N ALA D 246 13.34 1.14 10.19
CA ALA D 246 12.21 1.81 10.77
C ALA D 246 12.72 2.99 11.56
N ALA D 247 12.08 4.13 11.37
CA ALA D 247 12.53 5.36 11.99
C ALA D 247 11.43 6.04 12.78
N LEU D 248 11.83 6.80 13.78
CA LEU D 248 10.91 7.44 14.69
C LEU D 248 11.57 8.75 15.10
N VAL D 249 10.81 9.84 15.11
CA VAL D 249 11.27 11.10 15.67
C VAL D 249 10.85 11.16 17.12
N VAL D 250 11.83 11.42 17.99
CA VAL D 250 11.64 11.44 19.41
C VAL D 250 12.20 12.75 19.99
N PRO D 251 11.74 13.10 21.20
CA PRO D 251 12.29 14.29 21.86
C PRO D 251 13.77 14.13 22.23
N PRO D 252 14.58 15.20 22.02
CA PRO D 252 15.99 15.12 22.45
C PRO D 252 16.06 14.80 23.95
N GLY D 253 17.07 14.03 24.32
CA GLY D 253 17.22 13.47 25.66
C GLY D 253 16.34 12.27 26.02
N GLU D 254 15.40 11.86 25.15
CA GLU D 254 14.47 10.80 25.54
C GLU D 254 14.76 9.51 24.80
N GLU D 255 15.92 9.43 24.14
CA GLU D 255 16.25 8.29 23.27
C GLU D 255 16.18 6.96 23.98
N GLN D 256 16.67 6.90 25.21
CA GLN D 256 16.64 5.64 25.97
C GLN D 256 15.21 5.13 26.37
N SER D 257 14.20 5.97 26.33
CA SER D 257 12.81 5.52 26.49
C SER D 257 12.29 4.68 25.32
N TYR D 258 13.04 4.61 24.21
CA TYR D 258 12.61 3.89 23.03
C TYR D 258 13.48 2.65 22.74
N THR D 259 12.81 1.54 22.38
CA THR D 259 13.54 0.33 22.02
C THR D 259 12.99 -0.19 20.71
N CYS D 260 13.90 -0.72 19.90
CA CYS D 260 13.54 -1.32 18.61
C CYS D 260 13.47 -2.84 18.81
N HIS D 261 12.35 -3.43 18.42
CA HIS D 261 12.15 -4.87 18.64
C HIS D 261 12.27 -5.56 17.30
N VAL D 262 13.17 -6.54 17.22
CA VAL D 262 13.41 -7.28 15.96
C VAL D 262 13.04 -8.73 16.15
N GLN D 263 12.23 -9.25 15.25
CA GLN D 263 11.90 -10.67 15.23
C GLN D 263 12.21 -11.22 13.87
N HIS D 264 12.90 -12.35 13.84
CA HIS D 264 13.28 -12.99 12.59
C HIS D 264 13.53 -14.45 12.88
N GLU D 265 13.24 -15.30 11.93
CA GLU D 265 13.45 -16.71 12.14
C GLU D 265 14.93 -17.17 12.29
N GLY D 266 15.87 -16.36 11.83
CA GLY D 266 17.29 -16.60 12.05
C GLY D 266 17.79 -16.33 13.46
N LEU D 267 16.98 -15.66 14.28
CA LEU D 267 17.40 -15.27 15.62
C LEU D 267 16.96 -16.31 16.62
N GLN D 268 17.88 -16.73 17.47
CA GLN D 268 17.52 -17.59 18.64
C GLN D 268 16.43 -16.97 19.53
N GLU D 269 16.53 -15.64 19.72
CA GLU D 269 15.61 -14.86 20.54
C GLU D 269 15.36 -13.50 19.94
N PRO D 270 14.14 -12.91 20.11
CA PRO D 270 13.92 -11.56 19.53
C PRO D 270 14.80 -10.50 20.18
N LEU D 271 15.11 -9.44 19.45
CA LEU D 271 16.07 -8.44 19.94
C LEU D 271 15.33 -7.28 20.44
N THR D 272 15.88 -6.69 21.50
CA THR D 272 15.42 -5.40 22.02
C THR D 272 16.64 -4.48 21.93
N LEU D 273 16.63 -3.55 20.98
CA LEU D 273 17.79 -2.72 20.66
C LEU D 273 17.57 -1.28 21.13
N ARG D 274 18.64 -0.63 21.56
CA ARG D 274 18.64 0.79 21.89
C ARG D 274 19.77 1.52 21.20
N TRP D 275 19.60 2.83 21.07
CA TRP D 275 20.67 3.72 20.66
C TRP D 275 21.75 3.61 21.73
N ASP D 276 22.96 3.27 21.29
CA ASP D 276 24.02 2.87 22.19
C ASP D 276 25.34 3.44 21.70
N MET E 1 -8.27 0.56 -16.37
N MET E 1 -8.31 -0.03 -16.03
CA MET E 1 -6.82 0.92 -16.40
CA MET E 1 -6.93 0.59 -16.23
C MET E 1 -6.38 1.57 -15.07
C MET E 1 -6.47 1.42 -15.02
N ILE E 2 -5.25 1.14 -14.56
CA ILE E 2 -4.61 1.81 -13.46
C ILE E 2 -3.26 2.28 -13.94
N GLN E 3 -2.70 3.23 -13.19
CA GLN E 3 -1.35 3.72 -13.41
C GLN E 3 -0.83 4.08 -12.04
N ARG E 4 0.24 3.44 -11.60
CA ARG E 4 0.84 3.70 -10.28
C ARG E 4 2.28 4.04 -10.47
N THR E 5 2.72 5.08 -9.75
CA THR E 5 4.06 5.57 -9.92
C THR E 5 5.07 4.74 -9.13
N PRO E 6 6.30 4.56 -9.66
CA PRO E 6 7.25 3.74 -8.91
C PRO E 6 7.73 4.37 -7.63
N LYS E 7 7.85 3.53 -6.60
CA LYS E 7 8.68 3.82 -5.45
C LYS E 7 10.12 3.57 -5.88
N ILE E 8 11.02 4.42 -5.41
CA ILE E 8 12.40 4.28 -5.88
C ILE E 8 13.32 4.30 -4.65
N GLN E 9 14.11 3.27 -4.48
CA GLN E 9 15.08 3.22 -3.35
C GLN E 9 16.44 3.00 -3.94
N VAL E 10 17.45 3.81 -3.50
CA VAL E 10 18.81 3.76 -4.03
C VAL E 10 19.69 3.53 -2.84
N TYR E 11 20.42 2.45 -2.85
CA TYR E 11 21.21 2.02 -1.67
C TYR E 11 22.29 1.04 -2.08
N SER E 12 23.19 0.71 -1.17
CA SER E 12 24.25 -0.29 -1.49
C SER E 12 23.88 -1.64 -0.90
N ARG E 13 24.40 -2.70 -1.55
CA ARG E 13 24.20 -4.07 -1.10
C ARG E 13 24.71 -4.26 0.32
N HIS E 14 25.89 -3.76 0.59
CA HIS E 14 26.55 -3.85 1.89
C HIS E 14 26.73 -2.42 2.41
N PRO E 15 26.97 -2.26 3.73
CA PRO E 15 27.24 -0.95 4.27
C PRO E 15 28.42 -0.36 3.52
N ALA E 16 28.29 0.90 3.09
CA ALA E 16 29.28 1.49 2.20
C ALA E 16 30.51 1.90 2.99
N GLU E 17 31.69 1.51 2.48
CA GLU E 17 32.95 1.97 2.99
C GLU E 17 33.79 2.44 1.82
N ASN E 18 34.33 3.64 1.97
CA ASN E 18 35.13 4.22 0.89
C ASN E 18 36.28 3.28 0.59
N GLY E 19 36.49 3.00 -0.69
CA GLY E 19 37.58 2.13 -1.11
C GLY E 19 37.30 0.65 -1.08
N LYS E 20 36.10 0.25 -0.64
CA LYS E 20 35.75 -1.14 -0.62
C LYS E 20 34.69 -1.43 -1.71
N SER E 21 35.01 -2.39 -2.55
CA SER E 21 34.06 -2.85 -3.60
C SER E 21 32.71 -3.26 -3.02
N ASN E 22 31.67 -2.94 -3.76
CA ASN E 22 30.26 -3.04 -3.29
C ASN E 22 29.35 -3.13 -4.54
N PHE E 23 28.04 -3.14 -4.33
CA PHE E 23 27.05 -3.00 -5.40
C PHE E 23 26.13 -1.86 -5.07
N LEU E 24 25.84 -1.05 -6.07
CA LEU E 24 24.88 0.03 -6.03
C LEU E 24 23.55 -0.51 -6.60
N ASN E 25 22.47 -0.35 -5.82
CA ASN E 25 21.12 -0.82 -6.13
C ASN E 25 20.19 0.30 -6.33
N CYS E 26 19.35 0.15 -7.37
CA CYS E 26 18.15 0.95 -7.50
C CYS E 26 16.95 0.00 -7.57
N TYR E 27 16.16 -0.02 -6.50
CA TYR E 27 14.95 -0.87 -6.40
C TYR E 27 13.73 -0.06 -6.76
N VAL E 28 13.04 -0.43 -7.85
CA VAL E 28 11.82 0.27 -8.28
C VAL E 28 10.66 -0.69 -8.05
N SER E 29 9.65 -0.23 -7.37
CA SER E 29 8.55 -1.12 -6.94
C SER E 29 7.23 -0.37 -6.96
N GLY E 30 6.15 -1.13 -6.85
CA GLY E 30 4.89 -0.51 -6.63
C GLY E 30 4.27 0.13 -7.89
N PHE E 31 4.79 -0.19 -9.07
CA PHE E 31 4.39 0.51 -10.29
C PHE E 31 3.50 -0.31 -11.20
N HIS E 32 2.77 0.38 -12.07
CA HIS E 32 1.92 -0.26 -13.10
C HIS E 32 1.60 0.85 -14.12
N PRO E 33 1.72 0.56 -15.42
CA PRO E 33 2.04 -0.71 -16.02
C PRO E 33 3.56 -1.02 -15.97
N SER E 34 3.99 -2.09 -16.62
CA SER E 34 5.29 -2.67 -16.39
C SER E 34 6.44 -1.99 -17.15
N ASP E 35 6.17 -1.32 -18.25
CA ASP E 35 7.23 -0.60 -18.98
C ASP E 35 7.88 0.46 -18.08
N ILE E 36 9.20 0.37 -17.94
CA ILE E 36 9.95 1.31 -17.11
C ILE E 36 11.40 1.36 -17.66
N GLU E 37 12.08 2.48 -17.55
N GLU E 37 12.05 2.54 -17.57
CA GLU E 37 13.50 2.53 -17.95
CA GLU E 37 13.48 2.74 -17.95
C GLU E 37 14.25 3.08 -16.73
C GLU E 37 14.22 3.09 -16.68
N VAL E 38 15.35 2.43 -16.39
CA VAL E 38 16.14 2.78 -15.22
C VAL E 38 17.59 2.83 -15.59
N ASP E 39 18.25 3.96 -15.29
CA ASP E 39 19.69 4.13 -15.43
C ASP E 39 20.33 4.43 -14.08
N LEU E 40 21.55 3.94 -13.88
CA LEU E 40 22.35 4.32 -12.74
C LEU E 40 23.31 5.37 -13.23
N LEU E 41 23.50 6.41 -12.43
CA LEU E 41 24.31 7.58 -12.78
C LEU E 41 25.49 7.74 -11.84
N LYS E 42 26.67 8.02 -12.40
CA LYS E 42 27.83 8.43 -11.62
C LYS E 42 28.19 9.85 -12.00
N ASN E 43 28.13 10.78 -11.04
CA ASN E 43 28.34 12.19 -11.29
C ASN E 43 27.53 12.69 -12.49
N GLY E 44 26.27 12.25 -12.55
CA GLY E 44 25.37 12.66 -13.66
C GLY E 44 25.46 11.89 -14.95
N GLU E 45 26.47 11.04 -15.12
CA GLU E 45 26.71 10.27 -16.35
C GLU E 45 26.18 8.82 -16.23
N ARG E 46 25.60 8.32 -17.31
CA ARG E 46 24.99 6.98 -17.30
C ARG E 46 26.08 5.92 -17.14
N ILE E 47 25.86 5.03 -16.20
CA ILE E 47 26.74 3.87 -16.04
C ILE E 47 26.43 2.75 -17.03
N GLU E 48 27.44 2.24 -17.73
CA GLU E 48 27.21 1.27 -18.79
C GLU E 48 26.88 -0.17 -18.40
N LYS E 49 27.56 -0.79 -17.46
CA LYS E 49 27.27 -2.23 -17.29
C LYS E 49 26.36 -2.32 -16.08
N VAL E 50 25.05 -2.26 -16.34
CA VAL E 50 24.01 -2.27 -15.26
C VAL E 50 23.12 -3.44 -15.59
N GLU E 51 22.99 -4.34 -14.62
CA GLU E 51 22.12 -5.52 -14.79
C GLU E 51 20.84 -5.30 -14.00
N HIS E 52 19.85 -6.11 -14.33
CA HIS E 52 18.56 -6.00 -13.61
C HIS E 52 17.92 -7.38 -13.49
N SER E 53 17.08 -7.49 -12.46
CA SER E 53 16.34 -8.69 -12.18
C SER E 53 15.23 -8.84 -13.18
N ASP E 54 14.68 -10.06 -13.21
CA ASP E 54 13.60 -10.38 -14.10
C ASP E 54 12.29 -9.79 -13.55
N LEU E 55 11.43 -9.29 -14.43
CA LEU E 55 10.15 -8.69 -13.98
C LEU E 55 9.32 -9.65 -13.17
N SER E 56 8.88 -9.15 -12.02
CA SER E 56 7.91 -9.89 -11.19
C SER E 56 7.03 -8.86 -10.54
N PHE E 57 6.12 -9.36 -9.70
CA PHE E 57 5.16 -8.51 -9.04
C PHE E 57 4.78 -9.05 -7.67
N SER E 58 4.28 -8.13 -6.89
CA SER E 58 3.77 -8.34 -5.53
C SER E 58 2.33 -8.87 -5.50
N LYS E 59 1.89 -9.22 -4.31
CA LYS E 59 0.55 -9.69 -4.12
C LYS E 59 -0.52 -8.65 -4.47
N ASP E 60 -0.19 -7.37 -4.43
CA ASP E 60 -1.11 -6.36 -4.93
C ASP E 60 -1.08 -6.12 -6.41
N TRP E 61 -0.30 -6.93 -7.16
CA TRP E 61 -0.14 -6.93 -8.59
C TRP E 61 0.84 -5.87 -9.12
N SER E 62 1.34 -5.05 -8.22
CA SER E 62 2.27 -4.01 -8.66
C SER E 62 3.63 -4.63 -8.93
N PHE E 63 4.30 -4.07 -9.92
CA PHE E 63 5.57 -4.62 -10.37
C PHE E 63 6.76 -4.16 -9.52
N TYR E 64 7.82 -4.96 -9.56
CA TYR E 64 9.13 -4.54 -9.00
C TYR E 64 10.31 -5.09 -9.78
N LEU E 65 11.41 -4.31 -9.79
CA LEU E 65 12.66 -4.68 -10.42
C LEU E 65 13.83 -4.14 -9.57
N LEU E 66 14.97 -4.87 -9.58
CA LEU E 66 16.20 -4.38 -8.99
C LEU E 66 17.20 -4.16 -10.12
N TYR E 67 17.76 -2.95 -10.17
CA TYR E 67 18.86 -2.63 -11.06
C TYR E 67 20.09 -2.46 -10.22
N TYR E 68 21.22 -3.00 -10.70
CA TYR E 68 22.44 -2.99 -9.85
C TYR E 68 23.75 -2.99 -10.66
N THR E 69 24.82 -2.52 -10.04
CA THR E 69 26.11 -2.50 -10.70
C THR E 69 27.17 -2.49 -9.62
N GLU E 70 28.30 -3.13 -9.94
CA GLU E 70 29.45 -3.10 -9.04
C GLU E 70 29.96 -1.65 -8.93
N PHE E 71 30.39 -1.25 -7.73
CA PHE E 71 31.07 0.02 -7.57
C PHE E 71 31.90 0.04 -6.34
N THR E 72 32.80 1.01 -6.27
CA THR E 72 33.55 1.28 -5.11
C THR E 72 33.22 2.70 -4.67
N PRO E 73 32.50 2.88 -3.56
CA PRO E 73 32.28 4.21 -3.00
C PRO E 73 33.52 5.03 -2.73
N THR E 74 33.44 6.34 -2.98
CA THR E 74 34.47 7.27 -2.59
C THR E 74 33.86 8.48 -1.95
N GLU E 75 34.68 9.33 -1.34
CA GLU E 75 34.19 10.59 -0.82
C GLU E 75 33.62 11.51 -1.89
N LYS E 76 34.27 11.58 -3.04
CA LYS E 76 33.95 12.61 -4.02
C LYS E 76 32.79 12.26 -4.97
N ASP E 77 32.57 10.98 -5.24
CA ASP E 77 31.62 10.61 -6.29
C ASP E 77 30.13 10.57 -5.79
N GLU E 78 29.28 11.11 -6.63
CA GLU E 78 27.82 11.19 -6.43
C GLU E 78 27.17 10.13 -7.31
N TYR E 79 26.24 9.34 -6.75
CA TYR E 79 25.54 8.32 -7.49
C TYR E 79 24.04 8.62 -7.37
N ALA E 80 23.30 8.10 -8.35
CA ALA E 80 21.88 8.39 -8.47
C ALA E 80 21.24 7.32 -9.33
N CYS E 81 19.92 7.26 -9.24
CA CYS E 81 19.11 6.43 -10.08
C CYS E 81 18.19 7.32 -10.88
N ARG E 82 18.07 7.09 -12.20
CA ARG E 82 17.15 7.85 -13.06
C ARG E 82 16.10 6.91 -13.60
N VAL E 83 14.83 7.27 -13.40
CA VAL E 83 13.71 6.42 -13.74
C VAL E 83 12.72 7.13 -14.63
N ASN E 84 12.31 6.47 -15.71
N ASN E 84 12.31 6.41 -15.67
CA ASN E 84 11.17 7.00 -16.46
CA ASN E 84 11.30 6.83 -16.62
C ASN E 84 10.10 5.94 -16.50
C ASN E 84 10.10 5.88 -16.52
N HIS E 85 8.87 6.44 -16.52
CA HIS E 85 7.64 5.60 -16.41
C HIS E 85 6.51 6.47 -16.97
N VAL E 86 5.49 5.84 -17.51
CA VAL E 86 4.37 6.60 -18.07
C VAL E 86 3.74 7.61 -17.04
N THR E 87 3.77 7.27 -15.73
CA THR E 87 3.25 8.19 -14.68
C THR E 87 4.12 9.43 -14.41
N LEU E 88 5.32 9.47 -14.97
CA LEU E 88 6.26 10.59 -14.81
C LEU E 88 6.31 11.51 -16.03
N SER E 89 6.14 12.81 -15.83
CA SER E 89 6.23 13.76 -16.94
C SER E 89 7.67 13.98 -17.40
N GLN E 90 8.64 13.79 -16.51
CA GLN E 90 10.07 13.74 -16.90
C GLN E 90 10.85 12.72 -16.06
N PRO E 91 12.05 12.27 -16.57
CA PRO E 91 12.80 11.24 -15.82
C PRO E 91 13.06 11.66 -14.36
N LYS E 92 12.79 10.80 -13.39
CA LYS E 92 12.96 11.12 -11.98
C LYS E 92 14.35 10.70 -11.52
N ILE E 93 15.07 11.59 -10.86
CA ILE E 93 16.41 11.25 -10.38
C ILE E 93 16.36 11.20 -8.85
N VAL E 94 16.78 10.09 -8.29
CA VAL E 94 16.92 9.95 -6.86
C VAL E 94 18.40 9.73 -6.49
N LYS E 95 18.94 10.60 -5.65
CA LYS E 95 20.35 10.50 -5.25
C LYS E 95 20.56 9.42 -4.21
N TRP E 96 21.68 8.72 -4.33
CA TRP E 96 22.14 7.79 -3.32
C TRP E 96 22.57 8.57 -2.08
N ASP E 97 21.87 8.32 -0.99
CA ASP E 97 22.33 8.78 0.33
C ASP E 97 22.82 7.54 1.12
N ARG E 98 24.08 7.58 1.53
CA ARG E 98 24.78 6.50 2.24
C ARG E 98 24.12 5.94 3.48
N ASP E 99 23.38 6.79 4.18
CA ASP E 99 22.75 6.39 5.44
C ASP E 99 21.22 6.18 5.35
N MET E 100 20.71 5.73 4.18
CA MET E 100 19.26 5.57 3.91
C MET E 100 18.85 4.34 3.06
N GLU F 1 7.74 -27.05 -11.10
CA GLU F 1 7.34 -27.67 -12.38
C GLU F 1 6.14 -26.87 -12.92
N PHE F 2 6.30 -26.26 -14.09
CA PHE F 2 5.25 -25.40 -14.59
C PHE F 2 3.99 -26.21 -14.95
N GLU F 3 2.83 -25.60 -14.72
CA GLU F 3 1.48 -26.19 -15.12
C GLU F 3 1.41 -26.50 -16.60
N ASP F 4 0.58 -27.50 -16.96
CA ASP F 4 0.42 -27.88 -18.36
C ASP F 4 -1.04 -27.82 -18.80
N LEU F 5 -1.88 -26.97 -18.20
CA LEU F 5 -3.31 -26.99 -18.57
C LEU F 5 -3.55 -25.95 -19.65
N THR F 6 -4.39 -26.29 -20.60
CA THR F 6 -4.43 -25.46 -21.81
C THR F 6 -5.73 -24.76 -22.03
N PHE F 7 -6.39 -24.29 -20.94
CA PHE F 7 -7.68 -23.60 -21.07
C PHE F 7 -7.52 -22.08 -21.31
N LEU F 8 -8.24 -21.62 -22.32
CA LEU F 8 -8.36 -20.20 -22.65
C LEU F 8 -9.38 -19.47 -21.81
N ALA F 9 -9.13 -18.17 -21.61
CA ALA F 9 -10.05 -17.26 -20.94
C ALA F 9 -11.16 -16.90 -21.89
S SO4 G . -15.76 -14.57 10.44
O1 SO4 G . -15.75 -14.78 8.97
O2 SO4 G . -16.45 -15.74 11.04
O3 SO4 G . -14.35 -14.46 10.89
O4 SO4 G . -16.50 -13.34 10.82
S SO4 H . -18.74 -2.00 18.14
O1 SO4 H . -18.56 -2.19 16.68
O2 SO4 H . -20.15 -2.30 18.52
O3 SO4 H . -17.80 -2.92 18.82
O4 SO4 H . -18.45 -0.58 18.49
C1 GOL I . 20.66 -26.28 -17.94
O1 GOL I . 21.15 -25.92 -16.64
C2 GOL I . 19.72 -25.17 -18.47
O2 GOL I . 20.57 -24.04 -18.70
C3 GOL I . 18.99 -25.46 -19.78
O3 GOL I . 17.77 -24.68 -19.89
C1 EDO J . 15.21 -17.72 1.69
O1 EDO J . 15.09 -16.32 1.45
C2 EDO J . 16.27 -18.13 2.68
O2 EDO J . 15.84 -17.80 3.99
S SO4 K . 25.21 -7.37 4.67
O1 SO4 K . 25.41 -8.79 5.09
O2 SO4 K . 24.30 -7.36 3.47
O3 SO4 K . 26.51 -6.74 4.27
O4 SO4 K . 24.59 -6.63 5.79
C1 GOL L . 22.96 -0.08 3.94
O1 GOL L . 23.93 0.66 4.66
C2 GOL L . 22.86 0.44 2.50
O2 GOL L . 21.85 -0.37 1.92
C3 GOL L . 22.46 1.92 2.39
O3 GOL L . 23.06 2.59 1.26
#